data_8FMZ
#
_entry.id   8FMZ
#
_cell.length_a   1.00
_cell.length_b   1.00
_cell.length_c   1.00
_cell.angle_alpha   90.00
_cell.angle_beta   90.00
_cell.angle_gamma   90.00
#
_symmetry.space_group_name_H-M   'P 1'
#
loop_
_entity.id
_entity.type
_entity.pdbx_description
1 polymer MiniGq
2 polymer 'Guanine nucleotide-binding protein G(I)/G(S)/G(T) subunit beta-1'
3 polymer 'Guanine nucleotide-binding protein G(I)/G(S)/G(O) subunit gamma-2'
4 polymer scFv16
5 polymer 'Neurotensin receptor type 1'
6 polymer 'Neurotensin/neuromedin N'
#
loop_
_entity_poly.entity_id
_entity_poly.type
_entity_poly.pdbx_seq_one_letter_code
_entity_poly.pdbx_strand_id
1 'polypeptide(L)'
;MGSTVSAEDKAAAERSKMIDKNLREDGEKARRTLRLLLLGADNSGKSTIVKQMRILHGGSGGSGGTSGIFETKFQVDKVN
FHMFDVGGQRDERRKWIQCFNDVTAIIFVVDSSDYNRLQEALNDFKSIWNNRWLRTISVILFLNKQDLLAEKVLAGKSKI
EDYFPEFARYTTPEDATPEPGEDPRVTRAKYFIRKEFVDISTASGDGRHICYPHFTCAVDTENARRIFNDCKDIILQMNL
REYNLV
;
B
2 'polypeptide(L)'
;MHHHHHHLEVLFQGPGSSGSELDQLRQEAEQLKNQIRDARKACADATLSQITNNIDPVGRIQMRTRRTLRGHLAKIYAMH
WGTDSRLLVSASQDGKLIIWDSYTTNKVHAIPLRSSWVMTCAYAPSGNYVACGGLDNICSIYNLKTREGNVRVSRELAGH
TGYLSCCRFLDDNQIVTSSGDTTCALWDIETGQQTTTFTGHTGDVMSLSLAPDTRLFVSGACDASAKLWDVREGMCRQTF
TGHESDINAICFFPNGNAFATGSDDATCRLFDLRADQELMTYSHDNIICGITSVSFSKSGRLLLAGYDDFNCNVWDALKA
DRAGVLAGHDNRVSCLGVTDDGMAVATGSWDSFLKIWN
;
C
3 'polypeptide(L)' MASNNTASIAQARKLVEQLKMEANIDRIKVSKAAADLMAYCEAHAKEDPLLTPVPASENPFREKKFFCAIL D
4 'polypeptide(L)'
;DVQLVESGGGLVQPGGSRKLSCSASGFAFSSFGMHWVRQAPEKGLEWVAYISSGSGTIYYADTVKGRFTISRDDPKNTLF
LQMTSLRSEDTAMYYCVRSIYYYGSSPFDFWGQGTTLTVSSGGGGSGGGGSGGGGSDIVMTQATSSVPVTPGESVSISCR
SSKSLLHSNGNTYLYWFLQRPGQSPQLLIYRMSNLASGVPDRFSGSGSGTAFTLTISRLEAEDVGVYYCMQHLEYPLTFG
AGTKLELKAAALEVLFQGPHHHHHHHH
;
E
5 'polypeptide(L)'
;MHHHHHHHHHHSDLEVLFQGPLGSGAPTSESDTAGPNSDLDVNTDIYSKVLVTAIYLALFVVGTVGNSVTLFTLARKKSL
QSLQSTVHYHLGSLALSDLLILLLAMPVELYNFIWVHHPWAFGDAGCRGYYFLRDACTYATALNVASLSVERYLAICHPF
KAKTLMSRSRTKKFISAIWLASALLAIPMLFTMGLQNRSADGTHPGGLVCTPIVDTATVKVVIQVNTFMSFLFPMLVISI
LNTVIANKLTVMVHQAAEQGRVCTVGTHNGLEHSTFNMTIEPGRVQALRHGVLVLRAVVIAFVVCWLPYHVRRLMFCYIS
DEQWTTFLFDFYHYFYMLTNALFYASSAINPILYNLVSANFRQVFLSTLACLCPGWRHRRKKRPTFSRKPNSMSSNHAFS
TSATR
;
A
6 'polypeptide(L)' RRPYIL F
#
# COMPACT_ATOMS: atom_id res chain seq x y z
N VAL A 5 -18.08 11.04 -16.84
CA VAL A 5 -16.66 10.90 -17.13
C VAL A 5 -16.33 11.56 -18.46
N SER A 6 -15.84 12.79 -18.40
CA SER A 6 -15.52 13.53 -19.62
C SER A 6 -14.24 13.02 -20.24
N ALA A 7 -13.88 13.62 -21.38
CA ALA A 7 -12.67 13.21 -22.08
C ALA A 7 -11.43 13.47 -21.23
N GLU A 8 -11.37 14.62 -20.56
CA GLU A 8 -10.25 14.91 -19.68
C GLU A 8 -10.20 13.96 -18.50
N ASP A 9 -11.36 13.58 -17.96
CA ASP A 9 -11.39 12.58 -16.90
C ASP A 9 -10.90 11.22 -17.37
N LYS A 10 -11.26 10.82 -18.60
CA LYS A 10 -10.75 9.56 -19.13
C LYS A 10 -9.24 9.62 -19.29
N ALA A 11 -8.71 10.73 -19.78
CA ALA A 11 -7.27 10.85 -19.93
C ALA A 11 -6.57 10.83 -18.57
N ALA A 12 -7.17 11.46 -17.56
CA ALA A 12 -6.62 11.39 -16.21
C ALA A 12 -6.61 9.97 -15.68
N ALA A 13 -7.68 9.21 -15.94
CA ALA A 13 -7.72 7.82 -15.52
C ALA A 13 -6.63 7.00 -16.21
N GLU A 14 -6.40 7.25 -17.50
CA GLU A 14 -5.32 6.55 -18.20
C GLU A 14 -3.97 6.89 -17.62
N ARG A 15 -3.76 8.17 -17.27
CA ARG A 15 -2.53 8.58 -16.61
C ARG A 15 -2.34 7.86 -15.28
N SER A 16 -3.42 7.74 -14.50
CA SER A 16 -3.35 7.02 -13.23
C SER A 16 -3.00 5.55 -13.45
N LYS A 17 -3.55 4.94 -14.49
CA LYS A 17 -3.21 3.54 -14.78
C LYS A 17 -1.74 3.39 -15.13
N MET A 18 -1.19 4.32 -15.93
CA MET A 18 0.24 4.27 -16.23
C MET A 18 1.09 4.43 -14.98
N ILE A 19 0.68 5.34 -14.09
CA ILE A 19 1.39 5.51 -12.82
C ILE A 19 1.36 4.21 -12.02
N ASP A 20 0.21 3.53 -12.00
CA ASP A 20 0.11 2.26 -11.28
C ASP A 20 1.05 1.22 -11.87
N LYS A 21 1.13 1.15 -13.20
CA LYS A 21 2.04 0.20 -13.84
C LYS A 21 3.49 0.47 -13.43
N ASN A 22 3.90 1.74 -13.47
CA ASN A 22 5.27 2.06 -13.07
C ASN A 22 5.51 1.75 -11.59
N LEU A 23 4.53 2.01 -10.72
CA LEU A 23 4.68 1.68 -9.32
C LEU A 23 4.84 0.18 -9.10
N ARG A 24 4.06 -0.62 -9.84
CA ARG A 24 4.20 -2.06 -9.71
C ARG A 24 5.57 -2.54 -10.15
N GLU A 25 6.08 -1.99 -11.26
CA GLU A 25 7.41 -2.38 -11.71
C GLU A 25 8.48 -2.00 -10.68
N ASP A 26 8.38 -0.79 -10.12
CA ASP A 26 9.36 -0.35 -9.13
C ASP A 26 9.29 -1.22 -7.88
N GLY A 27 8.09 -1.57 -7.42
CA GLY A 27 7.97 -2.43 -6.26
C GLY A 27 8.53 -3.82 -6.50
N GLU A 28 8.27 -4.36 -7.69
CA GLU A 28 8.82 -5.67 -8.02
C GLU A 28 10.35 -5.64 -8.03
N LYS A 29 10.94 -4.59 -8.59
CA LYS A 29 12.39 -4.51 -8.60
C LYS A 29 12.97 -4.24 -7.22
N ALA A 30 12.20 -3.56 -6.35
CA ALA A 30 12.70 -3.26 -5.01
C ALA A 30 12.61 -4.47 -4.10
N ARG A 31 11.62 -5.34 -4.30
CA ARG A 31 11.43 -6.49 -3.42
C ARG A 31 12.38 -7.64 -3.72
N ARG A 32 13.45 -7.41 -4.49
CA ARG A 32 14.44 -8.45 -4.75
C ARG A 32 15.70 -8.30 -3.90
N THR A 33 15.75 -7.33 -2.99
CA THR A 33 16.93 -7.06 -2.18
C THR A 33 16.62 -7.31 -0.71
N LEU A 34 17.57 -7.92 -0.01
CA LEU A 34 17.42 -8.20 1.42
C LEU A 34 17.98 -7.04 2.22
N ARG A 35 17.15 -6.42 3.05
CA ARG A 35 17.52 -5.25 3.83
C ARG A 35 18.00 -5.68 5.21
N LEU A 36 19.10 -5.08 5.66
CA LEU A 36 19.73 -5.39 6.93
C LEU A 36 19.99 -4.10 7.68
N LEU A 37 19.91 -4.16 9.01
CA LEU A 37 20.17 -3.00 9.85
C LEU A 37 21.43 -3.24 10.68
N LEU A 38 22.44 -2.40 10.48
CA LEU A 38 23.73 -2.54 11.16
C LEU A 38 23.73 -1.71 12.43
N LEU A 39 24.02 -2.35 13.56
CA LEU A 39 24.04 -1.67 14.85
C LEU A 39 25.30 -2.04 15.62
N GLY A 40 25.73 -1.11 16.47
CA GLY A 40 26.93 -1.29 17.25
C GLY A 40 27.36 0.01 17.88
N ALA A 41 28.50 -0.05 18.56
CA ALA A 41 29.07 1.10 19.24
C ALA A 41 30.22 1.67 18.42
N ASP A 42 30.85 2.73 18.94
CA ASP A 42 31.95 3.35 18.22
C ASP A 42 33.16 2.43 18.14
N ASN A 43 33.40 1.64 19.17
CA ASN A 43 34.53 0.72 19.21
C ASN A 43 34.28 -0.57 18.45
N SER A 44 33.07 -0.79 17.97
CA SER A 44 32.72 -2.08 17.38
C SER A 44 33.51 -2.36 16.11
N GLY A 45 33.64 -1.36 15.24
CA GLY A 45 34.21 -1.60 13.93
C GLY A 45 33.17 -2.13 12.98
N LYS A 46 31.99 -1.50 12.97
CA LYS A 46 30.89 -1.97 12.14
C LYS A 46 31.23 -1.85 10.66
N SER A 47 31.86 -0.74 10.26
CA SER A 47 32.09 -0.45 8.86
C SER A 47 33.07 -1.41 8.20
N THR A 48 33.78 -2.23 8.97
CA THR A 48 34.74 -3.18 8.42
C THR A 48 34.24 -4.61 8.40
N ILE A 49 32.96 -4.83 8.70
CA ILE A 49 32.44 -6.20 8.74
C ILE A 49 32.44 -6.82 7.36
N VAL A 50 31.90 -6.12 6.37
CA VAL A 50 31.85 -6.60 4.99
C VAL A 50 32.78 -5.71 4.16
N LYS A 51 33.68 -6.34 3.40
CA LYS A 51 34.70 -5.64 2.65
C LYS A 51 35.57 -4.80 3.57
N GLY A 68 23.27 11.26 7.64
CA GLY A 68 22.03 10.63 8.04
C GLY A 68 22.11 9.12 8.10
N ILE A 69 21.90 8.48 6.95
CA ILE A 69 21.94 7.03 6.83
C ILE A 69 23.01 6.66 5.81
N PHE A 70 23.89 5.74 6.18
CA PHE A 70 24.87 5.19 5.27
C PHE A 70 24.38 3.84 4.77
N GLU A 71 24.45 3.62 3.46
CA GLU A 71 23.97 2.40 2.86
C GLU A 71 25.10 1.69 2.13
N THR A 72 25.25 0.40 2.39
CA THR A 72 26.25 -0.42 1.72
C THR A 72 25.58 -1.62 1.07
N LYS A 73 25.89 -1.84 -0.19
CA LYS A 73 25.29 -2.93 -0.95
C LYS A 73 26.37 -3.94 -1.31
N PHE A 74 26.02 -5.22 -1.18
CA PHE A 74 26.91 -6.27 -1.63
C PHE A 74 26.09 -7.43 -2.16
N GLN A 75 26.77 -8.39 -2.79
CA GLN A 75 26.09 -9.49 -3.45
C GLN A 75 26.79 -10.79 -3.11
N VAL A 76 26.01 -11.79 -2.73
CA VAL A 76 26.53 -13.13 -2.44
C VAL A 76 25.64 -14.14 -3.17
N ASP A 77 26.25 -14.94 -4.04
CA ASP A 77 25.55 -15.99 -4.80
C ASP A 77 24.30 -15.43 -5.49
N LYS A 78 24.48 -14.33 -6.20
CA LYS A 78 23.43 -13.65 -6.97
C LYS A 78 22.30 -13.15 -6.08
N VAL A 79 22.53 -12.97 -4.79
CA VAL A 79 21.55 -12.40 -3.88
C VAL A 79 22.08 -11.07 -3.39
N ASN A 80 21.26 -10.03 -3.49
CA ASN A 80 21.67 -8.67 -3.15
C ASN A 80 21.27 -8.32 -1.72
N PHE A 81 22.24 -7.86 -0.94
CA PHE A 81 22.03 -7.41 0.42
C PHE A 81 22.32 -5.91 0.51
N HIS A 82 21.47 -5.22 1.27
CA HIS A 82 21.54 -3.77 1.43
C HIS A 82 21.51 -3.46 2.92
N MET A 83 22.64 -3.00 3.45
CA MET A 83 22.78 -2.72 4.87
C MET A 83 22.69 -1.23 5.13
N PHE A 84 21.99 -0.87 6.20
CA PHE A 84 21.77 0.53 6.58
C PHE A 84 22.37 0.76 7.95
N ASP A 85 23.18 1.81 8.06
CA ASP A 85 23.78 2.25 9.32
C ASP A 85 23.26 3.65 9.61
N VAL A 86 22.63 3.83 10.75
CA VAL A 86 22.08 5.12 11.15
C VAL A 86 23.01 5.75 12.17
N GLY A 87 23.54 6.92 11.84
CA GLY A 87 24.44 7.64 12.73
C GLY A 87 25.86 7.72 12.20
N GLU A 92 20.46 6.50 21.99
CA GLU A 92 20.17 5.32 22.81
C GLU A 92 18.67 5.02 22.84
N ARG A 93 17.86 6.07 22.71
CA ARG A 93 16.41 5.88 22.69
C ARG A 93 15.97 5.09 21.47
N ARG A 94 16.53 5.41 20.31
CA ARG A 94 16.19 4.75 19.05
C ARG A 94 14.68 4.79 18.79
N LYS A 95 14.14 6.00 18.70
CA LYS A 95 12.74 6.17 18.31
C LYS A 95 12.53 5.76 16.87
N TRP A 96 13.55 5.94 16.03
CA TRP A 96 13.46 5.60 14.61
C TRP A 96 13.47 4.11 14.34
N ILE A 97 13.69 3.27 15.36
CA ILE A 97 13.78 1.83 15.16
C ILE A 97 12.48 1.28 14.58
N GLN A 98 11.36 1.96 14.78
CA GLN A 98 10.09 1.51 14.21
C GLN A 98 10.17 1.40 12.70
N CYS A 99 11.01 2.23 12.07
CA CYS A 99 11.16 2.18 10.63
C CYS A 99 11.76 0.88 10.14
N PHE A 100 12.46 0.14 11.00
CA PHE A 100 13.14 -1.08 10.59
C PHE A 100 12.49 -2.32 11.18
N ASN A 101 11.16 -2.35 11.27
CA ASN A 101 10.47 -3.51 11.78
C ASN A 101 10.19 -4.55 10.70
N ASP A 102 10.59 -4.28 9.46
CA ASP A 102 10.38 -5.21 8.36
C ASP A 102 11.70 -5.65 7.73
N VAL A 103 12.83 -5.32 8.34
CA VAL A 103 14.11 -5.73 7.79
C VAL A 103 14.31 -7.22 8.02
N THR A 104 15.13 -7.83 7.17
CA THR A 104 15.41 -9.26 7.30
C THR A 104 16.15 -9.55 8.60
N ALA A 105 17.14 -8.74 8.95
CA ALA A 105 17.92 -9.03 10.13
C ALA A 105 18.61 -7.78 10.63
N ILE A 106 19.02 -7.84 11.89
CA ILE A 106 19.83 -6.83 12.54
C ILE A 106 21.20 -7.43 12.80
N ILE A 107 22.23 -6.78 12.27
CA ILE A 107 23.62 -7.20 12.45
C ILE A 107 24.20 -6.37 13.58
N PHE A 108 24.33 -6.99 14.76
CA PHE A 108 24.79 -6.32 15.96
C PHE A 108 26.26 -6.67 16.19
N VAL A 109 27.11 -5.66 16.20
CA VAL A 109 28.56 -5.84 16.29
C VAL A 109 29.02 -5.43 17.69
N VAL A 110 29.80 -6.29 18.33
CA VAL A 110 30.30 -6.07 19.68
C VAL A 110 31.82 -6.17 19.67
N ASP A 111 32.47 -5.21 20.33
CA ASP A 111 33.89 -5.32 20.61
C ASP A 111 34.06 -6.18 21.86
N SER A 112 34.35 -7.46 21.66
CA SER A 112 34.46 -8.41 22.76
C SER A 112 35.75 -8.27 23.54
N SER A 113 36.71 -7.50 23.04
CA SER A 113 37.98 -7.31 23.73
C SER A 113 37.91 -6.27 24.84
N ASP A 114 36.89 -5.42 24.85
CA ASP A 114 36.78 -4.35 25.83
C ASP A 114 35.92 -4.86 26.98
N TYR A 115 36.56 -5.25 28.08
CA TYR A 115 35.83 -5.70 29.26
C TYR A 115 35.13 -4.56 29.98
N ASN A 116 35.63 -3.33 29.84
CA ASN A 116 35.02 -2.18 30.51
C ASN A 116 33.65 -1.85 29.93
N ARG A 117 33.51 -1.87 28.60
CA ARG A 117 32.30 -1.46 27.93
C ARG A 117 31.42 -2.64 27.53
N LEU A 118 31.75 -3.86 27.99
CA LEU A 118 31.00 -5.03 27.56
C LEU A 118 29.63 -5.07 28.21
N GLN A 119 29.50 -4.56 29.43
CA GLN A 119 28.19 -4.50 30.07
C GLN A 119 27.27 -3.52 29.35
N GLU A 120 27.83 -2.42 28.82
CA GLU A 120 27.03 -1.54 27.97
C GLU A 120 26.56 -2.26 26.73
N ALA A 121 27.42 -3.09 26.14
CA ALA A 121 27.03 -3.89 24.98
C ALA A 121 25.91 -4.85 25.33
N LEU A 122 26.00 -5.49 26.49
CA LEU A 122 24.95 -6.42 26.92
C LEU A 122 23.63 -5.69 27.15
N ASN A 123 23.68 -4.53 27.81
CA ASN A 123 22.46 -3.75 28.02
C ASN A 123 21.84 -3.29 26.71
N ASP A 124 22.67 -2.84 25.76
CA ASP A 124 22.15 -2.43 24.46
C ASP A 124 21.56 -3.60 23.69
N PHE A 125 22.21 -4.76 23.75
CA PHE A 125 21.67 -5.95 23.11
C PHE A 125 20.34 -6.34 23.73
N LYS A 126 20.23 -6.24 25.06
CA LYS A 126 18.98 -6.58 25.72
C LYS A 126 17.88 -5.59 25.35
N SER A 127 18.23 -4.31 25.22
CA SER A 127 17.25 -3.32 24.79
C SER A 127 16.74 -3.60 23.38
N ILE A 128 17.65 -3.95 22.47
CA ILE A 128 17.25 -4.22 21.09
C ILE A 128 16.46 -5.52 20.99
N TRP A 129 16.87 -6.52 21.78
CA TRP A 129 16.22 -7.83 21.72
C TRP A 129 14.78 -7.75 22.21
N ASN A 130 14.52 -6.93 23.22
CA ASN A 130 13.20 -6.82 23.83
C ASN A 130 12.40 -5.65 23.28
N ASN A 131 12.84 -5.04 22.19
CA ASN A 131 12.07 -3.95 21.58
C ASN A 131 10.75 -4.49 21.04
N ARG A 132 9.68 -3.71 21.20
CA ARG A 132 8.36 -4.20 20.81
C ARG A 132 8.18 -4.27 19.31
N TRP A 133 8.92 -3.47 18.55
CA TRP A 133 8.85 -3.52 17.09
C TRP A 133 9.82 -4.50 16.49
N LEU A 134 10.70 -5.10 17.29
CA LEU A 134 11.69 -6.06 16.82
C LEU A 134 11.45 -7.45 17.38
N ARG A 135 10.19 -7.78 17.71
CA ARG A 135 9.90 -9.06 18.33
C ARG A 135 9.96 -10.22 17.34
N THR A 136 9.88 -9.94 16.05
CA THR A 136 9.94 -10.98 15.03
C THR A 136 11.15 -10.82 14.10
N ILE A 137 12.22 -10.18 14.57
CA ILE A 137 13.41 -9.92 13.76
C ILE A 137 14.60 -10.59 14.42
N SER A 138 15.25 -11.48 13.69
CA SER A 138 16.43 -12.16 14.21
C SER A 138 17.63 -11.22 14.19
N VAL A 139 18.63 -11.57 15.00
CA VAL A 139 19.83 -10.76 15.14
C VAL A 139 21.04 -11.64 14.83
N ILE A 140 21.90 -11.15 13.95
CA ILE A 140 23.19 -11.78 13.68
C ILE A 140 24.24 -11.05 14.50
N LEU A 141 24.69 -11.69 15.56
CA LEU A 141 25.61 -11.09 16.53
C LEU A 141 27.04 -11.39 16.10
N PHE A 142 27.83 -10.34 15.92
CA PHE A 142 29.25 -10.47 15.59
C PHE A 142 30.06 -10.05 16.80
N LEU A 143 30.73 -11.00 17.43
CA LEU A 143 31.64 -10.75 18.54
C LEU A 143 32.99 -10.44 17.92
N ASN A 144 33.24 -9.16 17.67
CA ASN A 144 34.34 -8.71 16.85
C ASN A 144 35.63 -8.60 17.65
N LYS A 145 36.74 -8.42 16.94
CA LYS A 145 38.05 -8.21 17.53
C LYS A 145 38.45 -9.35 18.45
N GLN A 146 38.60 -10.54 17.86
CA GLN A 146 39.06 -11.70 18.61
C GLN A 146 40.57 -11.72 18.78
N ASP A 147 41.32 -11.07 17.88
CA ASP A 147 42.76 -10.99 18.06
C ASP A 147 43.10 -10.26 19.36
N LEU A 148 42.45 -9.13 19.61
CA LEU A 148 42.66 -8.37 20.83
C LEU A 148 42.23 -9.13 22.07
N LEU A 149 41.12 -9.86 21.99
CA LEU A 149 40.69 -10.68 23.13
C LEU A 149 41.73 -11.75 23.43
N ALA A 150 42.25 -12.41 22.39
CA ALA A 150 43.28 -13.43 22.60
C ALA A 150 44.53 -12.82 23.22
N GLU A 151 44.95 -11.66 22.73
CA GLU A 151 46.14 -11.00 23.29
C GLU A 151 45.91 -10.62 24.75
N LYS A 152 44.73 -10.10 25.08
CA LYS A 152 44.43 -9.75 26.47
C LYS A 152 44.45 -10.98 27.37
N VAL A 153 43.88 -12.09 26.91
CA VAL A 153 43.83 -13.29 27.74
C VAL A 153 45.23 -13.86 27.93
N LEU A 154 46.03 -13.89 26.86
CA LEU A 154 47.36 -14.49 26.97
C LEU A 154 48.32 -13.59 27.76
N ALA A 155 48.14 -12.27 27.66
CA ALA A 155 49.01 -11.36 28.41
C ALA A 155 48.75 -11.44 29.91
N GLY A 156 47.48 -11.60 30.30
CA GLY A 156 47.14 -11.69 31.71
C GLY A 156 47.07 -10.38 32.44
N LYS A 157 47.20 -9.26 31.74
CA LYS A 157 47.13 -7.95 32.37
C LYS A 157 45.72 -7.55 32.79
N SER A 158 44.71 -8.02 32.09
CA SER A 158 43.32 -7.75 32.44
C SER A 158 42.58 -9.07 32.59
N LYS A 159 41.64 -9.10 33.51
CA LYS A 159 40.91 -10.31 33.86
C LYS A 159 39.42 -10.07 33.80
N ILE A 160 38.70 -11.04 33.23
CA ILE A 160 37.24 -10.94 33.15
C ILE A 160 36.63 -11.02 34.55
N GLU A 161 37.31 -11.70 35.47
CA GLU A 161 36.80 -11.82 36.84
C GLU A 161 36.66 -10.47 37.52
N ASP A 162 37.47 -9.48 37.14
CA ASP A 162 37.37 -8.15 37.69
C ASP A 162 36.07 -7.44 37.32
N TYR A 163 35.39 -7.88 36.26
CA TYR A 163 34.14 -7.28 35.82
C TYR A 163 32.95 -8.22 35.90
N PHE A 164 33.13 -9.49 35.60
CA PHE A 164 32.08 -10.50 35.70
C PHE A 164 32.54 -11.56 36.70
N PRO A 165 32.05 -11.48 37.94
CA PRO A 165 32.50 -12.44 38.96
C PRO A 165 32.20 -13.89 38.61
N GLU A 166 31.09 -14.16 37.93
CA GLU A 166 30.71 -15.53 37.62
C GLU A 166 31.72 -16.25 36.74
N PHE A 167 32.62 -15.51 36.08
CA PHE A 167 33.66 -16.14 35.29
C PHE A 167 34.57 -17.01 36.15
N ALA A 168 34.62 -16.75 37.46
CA ALA A 168 35.39 -17.61 38.34
C ALA A 168 34.79 -19.00 38.44
N ARG A 169 33.46 -19.12 38.33
CA ARG A 169 32.78 -20.40 38.47
C ARG A 169 32.35 -20.99 37.14
N TYR A 170 32.88 -20.50 36.03
CA TYR A 170 32.45 -20.94 34.71
C TYR A 170 33.38 -22.01 34.17
N THR A 171 32.79 -23.07 33.63
CA THR A 171 33.53 -24.16 33.01
C THR A 171 33.22 -24.21 31.52
N THR A 172 34.25 -24.48 30.73
CA THR A 172 34.05 -24.59 29.28
C THR A 172 33.25 -25.84 28.97
N PRO A 173 32.09 -25.71 28.31
CA PRO A 173 31.31 -26.90 27.99
C PRO A 173 31.86 -27.62 26.77
N GLU A 174 31.47 -28.89 26.65
CA GLU A 174 31.88 -29.72 25.53
C GLU A 174 30.69 -30.49 24.95
N ALA A 176 35.42 -28.99 20.05
CA ALA A 176 34.37 -27.99 20.00
C ALA A 176 34.94 -26.63 19.58
N THR A 177 36.26 -26.55 19.50
CA THR A 177 36.97 -25.32 19.20
C THR A 177 37.98 -25.55 18.08
N PRO A 178 38.27 -24.53 17.29
CA PRO A 178 39.26 -24.69 16.22
C PRO A 178 40.64 -25.02 16.79
N GLU A 179 41.35 -25.88 16.08
CA GLU A 179 42.68 -26.31 16.49
C GLU A 179 43.79 -25.28 16.21
N PRO A 180 43.80 -24.54 15.08
CA PRO A 180 45.01 -23.80 14.72
C PRO A 180 45.29 -22.63 15.66
N GLY A 181 45.89 -22.93 16.81
CA GLY A 181 46.16 -21.92 17.80
C GLY A 181 45.27 -22.00 19.03
N GLU A 182 44.61 -23.13 19.26
CA GLU A 182 43.69 -23.24 20.37
C GLU A 182 44.44 -23.12 21.70
N ASP A 183 43.87 -22.34 22.60
CA ASP A 183 44.38 -22.24 23.95
C ASP A 183 43.17 -22.27 24.89
N PRO A 184 43.20 -23.11 25.93
CA PRO A 184 42.01 -23.27 26.78
C PRO A 184 41.51 -21.98 27.41
N ARG A 185 42.40 -21.08 27.82
CA ARG A 185 41.96 -19.83 28.43
C ARG A 185 41.20 -18.95 27.44
N VAL A 186 41.70 -18.84 26.20
CA VAL A 186 41.03 -18.05 25.17
C VAL A 186 39.66 -18.65 24.85
N THR A 187 39.60 -19.97 24.72
CA THR A 187 38.31 -20.63 24.45
C THR A 187 37.33 -20.38 25.58
N ARG A 188 37.79 -20.50 26.83
CA ARG A 188 36.89 -20.27 27.96
C ARG A 188 36.38 -18.84 27.97
N ALA A 189 37.26 -17.87 27.75
CA ALA A 189 36.85 -16.47 27.76
C ALA A 189 35.84 -16.18 26.65
N LYS A 190 36.13 -16.63 25.43
CA LYS A 190 35.24 -16.33 24.32
C LYS A 190 33.90 -17.05 24.47
N TYR A 191 33.90 -18.28 24.98
CA TYR A 191 32.64 -18.96 25.20
C TYR A 191 31.82 -18.29 26.30
N PHE A 192 32.47 -17.78 27.35
CA PHE A 192 31.73 -17.05 28.38
C PHE A 192 31.10 -15.78 27.81
N ILE A 193 31.87 -15.03 27.01
CA ILE A 193 31.36 -13.79 26.45
C ILE A 193 30.20 -14.06 25.52
N ARG A 194 30.29 -15.13 24.72
CA ARG A 194 29.16 -15.52 23.89
C ARG A 194 27.96 -15.94 24.73
N LYS A 195 28.21 -16.69 25.81
CA LYS A 195 27.13 -17.22 26.62
C LYS A 195 26.32 -16.11 27.28
N GLU A 196 26.97 -15.00 27.62
CA GLU A 196 26.22 -13.87 28.16
C GLU A 196 25.12 -13.41 27.20
N PHE A 197 25.50 -13.15 25.95
CA PHE A 197 24.53 -12.70 24.95
C PHE A 197 23.51 -13.78 24.64
N VAL A 198 23.94 -15.03 24.57
CA VAL A 198 23.01 -16.11 24.25
C VAL A 198 21.99 -16.30 25.36
N ASP A 199 22.42 -16.12 26.62
CA ASP A 199 21.47 -16.16 27.73
C ASP A 199 20.48 -15.01 27.65
N ILE A 200 20.96 -13.80 27.32
CA ILE A 200 20.04 -12.68 27.11
C ILE A 200 19.03 -13.03 26.01
N SER A 201 19.50 -13.67 24.94
CA SER A 201 18.62 -14.03 23.83
C SER A 201 17.57 -15.05 24.26
N THR A 202 17.98 -16.10 24.96
CA THR A 202 17.09 -17.19 25.31
C THR A 202 16.20 -16.87 26.49
N ALA A 203 16.47 -15.78 27.21
CA ALA A 203 15.60 -15.41 28.33
C ALA A 203 14.17 -15.16 27.86
N SER A 204 14.01 -14.46 26.74
CA SER A 204 12.68 -14.15 26.23
C SER A 204 12.55 -14.29 24.72
N GLY A 205 13.31 -15.19 24.09
CA GLY A 205 13.19 -15.36 22.65
C GLY A 205 11.84 -15.87 22.22
N ASP A 206 11.28 -16.84 22.93
CA ASP A 206 9.97 -17.43 22.69
C ASP A 206 9.86 -18.11 21.34
N GLY A 207 10.97 -18.26 20.61
CA GLY A 207 10.97 -18.93 19.34
C GLY A 207 10.54 -18.08 18.16
N ARG A 208 10.12 -16.84 18.38
CA ARG A 208 9.74 -15.97 17.28
C ARG A 208 10.97 -15.53 16.48
N HIS A 209 12.10 -15.31 17.16
CA HIS A 209 13.33 -14.90 16.50
C HIS A 209 14.52 -15.53 17.22
N ILE A 210 15.64 -15.61 16.50
CA ILE A 210 16.83 -16.31 16.97
C ILE A 210 18.00 -15.33 16.93
N CYS A 211 19.05 -15.66 17.69
CA CYS A 211 20.32 -14.93 17.64
C CYS A 211 21.40 -15.85 17.07
N TYR A 212 22.19 -15.31 16.15
CA TYR A 212 23.24 -16.06 15.47
C TYR A 212 24.60 -15.48 15.86
N PRO A 213 25.28 -16.08 16.83
CA PRO A 213 26.55 -15.52 17.28
C PRO A 213 27.73 -16.00 16.45
N HIS A 214 28.57 -15.07 16.06
CA HIS A 214 29.77 -15.37 15.28
C HIS A 214 30.95 -14.59 15.83
N PHE A 215 32.15 -15.11 15.61
CA PHE A 215 33.39 -14.47 16.02
C PHE A 215 34.16 -14.00 14.78
N THR A 216 34.58 -12.74 14.80
CA THR A 216 35.29 -12.14 13.69
C THR A 216 36.60 -11.53 14.18
N CYS A 217 37.43 -11.09 13.22
CA CYS A 217 38.74 -10.58 13.52
C CYS A 217 39.12 -9.32 12.75
N ALA A 218 38.18 -8.74 11.99
CA ALA A 218 38.42 -7.52 11.21
C ALA A 218 39.48 -7.74 10.13
N VAL A 219 39.88 -9.00 9.93
CA VAL A 219 40.74 -9.38 8.83
C VAL A 219 40.14 -10.49 7.99
N ASP A 220 39.02 -11.08 8.43
CA ASP A 220 38.39 -12.17 7.70
C ASP A 220 37.65 -11.64 6.48
N THR A 221 37.29 -12.56 5.58
CA THR A 221 36.52 -12.24 4.40
C THR A 221 35.25 -13.08 4.29
N GLU A 222 34.86 -13.79 5.35
CA GLU A 222 33.72 -14.69 5.32
C GLU A 222 32.46 -14.08 5.89
N ASN A 223 32.48 -12.81 6.30
CA ASN A 223 31.32 -12.23 6.96
C ASN A 223 30.12 -12.14 6.03
N ALA A 224 30.35 -11.82 4.75
CA ALA A 224 29.25 -11.84 3.79
C ALA A 224 28.66 -13.24 3.66
N ARG A 225 29.51 -14.26 3.64
CA ARG A 225 29.03 -15.63 3.60
C ARG A 225 28.24 -15.99 4.86
N ARG A 226 28.70 -15.54 6.02
CA ARG A 226 27.97 -15.81 7.26
C ARG A 226 26.60 -15.16 7.25
N ILE A 227 26.53 -13.89 6.82
CA ILE A 227 25.24 -13.21 6.74
C ILE A 227 24.35 -13.90 5.72
N PHE A 228 24.93 -14.37 4.61
CA PHE A 228 24.15 -15.08 3.60
C PHE A 228 23.53 -16.34 4.17
N ASN A 229 24.34 -17.16 4.85
CA ASN A 229 23.84 -18.40 5.43
C ASN A 229 22.79 -18.13 6.50
N ASP A 230 23.04 -17.14 7.37
CA ASP A 230 22.08 -16.85 8.43
C ASP A 230 20.77 -16.31 7.88
N CYS A 231 20.84 -15.48 6.84
CA CYS A 231 19.63 -14.97 6.19
C CYS A 231 18.86 -16.11 5.53
N LYS A 232 19.57 -17.06 4.91
CA LYS A 232 18.90 -18.21 4.35
C LYS A 232 18.17 -18.99 5.45
N ASP A 233 18.81 -19.15 6.61
CA ASP A 233 18.16 -19.85 7.72
C ASP A 233 16.94 -19.10 8.22
N ILE A 234 17.04 -17.77 8.33
CA ILE A 234 15.90 -16.96 8.77
C ILE A 234 14.73 -17.12 7.82
N ILE A 235 15.00 -17.02 6.52
CA ILE A 235 13.93 -17.15 5.53
C ILE A 235 13.34 -18.55 5.55
N LEU A 236 14.19 -19.56 5.77
CA LEU A 236 13.69 -20.93 5.88
C LEU A 236 12.74 -21.08 7.07
N GLN A 237 13.08 -20.49 8.21
CA GLN A 237 12.19 -20.57 9.37
C GLN A 237 10.89 -19.84 9.12
N MET A 238 10.96 -18.65 8.50
CA MET A 238 9.75 -17.91 8.19
C MET A 238 8.86 -18.69 7.23
N ASN A 239 9.45 -19.34 6.23
CA ASN A 239 8.67 -20.15 5.31
C ASN A 239 8.07 -21.37 5.99
N LEU A 240 8.81 -21.98 6.92
CA LEU A 240 8.25 -23.10 7.67
C LEU A 240 7.02 -22.67 8.46
N ARG A 241 7.09 -21.52 9.13
CA ARG A 241 5.92 -21.05 9.87
C ARG A 241 4.78 -20.67 8.94
N GLU A 242 5.09 -20.01 7.83
CA GLU A 242 4.03 -19.50 6.96
C GLU A 242 3.32 -20.62 6.22
N TYR A 243 4.07 -21.59 5.70
CA TYR A 243 3.51 -22.66 4.89
C TYR A 243 2.92 -23.79 5.72
N ASN A 244 2.66 -23.54 7.01
CA ASN A 244 2.00 -24.51 7.89
C ASN A 244 2.73 -25.84 7.92
N LEU A 245 4.06 -25.79 8.00
CA LEU A 245 4.84 -27.01 8.17
C LEU A 245 5.24 -27.26 9.60
N VAL A 246 5.86 -26.28 10.26
CA VAL A 246 6.25 -26.42 11.66
C VAL A 246 5.42 -25.47 12.51
N GLU B 21 27.95 28.45 41.81
CA GLU B 21 26.62 29.00 42.07
C GLU B 21 25.54 28.11 41.48
N LEU B 22 25.89 26.84 41.23
CA LEU B 22 24.93 25.91 40.66
C LEU B 22 23.78 25.63 41.62
N ASP B 23 24.07 25.47 42.91
CA ASP B 23 23.02 25.17 43.87
C ASP B 23 22.03 26.31 44.01
N GLN B 24 22.51 27.55 44.00
CA GLN B 24 21.61 28.70 44.07
C GLN B 24 20.68 28.73 42.87
N LEU B 25 21.21 28.47 41.68
CA LEU B 25 20.37 28.43 40.48
C LEU B 25 19.36 27.29 40.55
N ARG B 26 19.76 26.13 41.07
CA ARG B 26 18.82 25.03 41.22
C ARG B 26 17.69 25.38 42.18
N GLN B 27 18.02 26.02 43.30
CA GLN B 27 16.98 26.42 44.25
C GLN B 27 16.06 27.46 43.65
N GLU B 28 16.62 28.42 42.90
CA GLU B 28 15.78 29.42 42.23
C GLU B 28 14.86 28.76 41.21
N ALA B 29 15.36 27.77 40.47
CA ALA B 29 14.53 27.05 39.51
C ALA B 29 13.39 26.31 40.21
N GLU B 30 13.68 25.68 41.35
CA GLU B 30 12.63 25.00 42.11
C GLU B 30 11.60 26.00 42.61
N GLN B 31 12.04 27.16 43.09
CA GLN B 31 11.09 28.18 43.54
C GLN B 31 10.22 28.67 42.39
N LEU B 32 10.81 28.87 41.21
CA LEU B 32 10.03 29.30 40.05
C LEU B 32 9.02 28.23 39.64
N LYS B 33 9.42 26.96 39.69
CA LYS B 33 8.49 25.89 39.37
C LYS B 33 7.32 25.86 40.36
N ASN B 34 7.62 26.03 41.65
CA ASN B 34 6.55 26.08 42.65
C ASN B 34 5.63 27.27 42.42
N GLN B 35 6.21 28.42 42.07
CA GLN B 35 5.40 29.60 41.77
C GLN B 35 4.48 29.37 40.59
N ILE B 36 4.99 28.74 39.53
CA ILE B 36 4.16 28.46 38.36
C ILE B 36 3.06 27.46 38.71
N ARG B 37 3.39 26.45 39.52
CA ARG B 37 2.36 25.49 39.94
C ARG B 37 1.27 26.17 40.74
N ASP B 38 1.64 27.06 41.67
CA ASP B 38 0.64 27.78 42.44
C ASP B 38 -0.20 28.69 41.57
N ALA B 39 0.43 29.36 40.60
CA ALA B 39 -0.32 30.23 39.70
C ALA B 39 -1.32 29.43 38.86
N ARG B 40 -0.91 28.26 38.37
CA ARG B 40 -1.82 27.43 37.60
C ARG B 40 -2.95 26.90 38.47
N LYS B 41 -2.65 26.54 39.72
CA LYS B 41 -3.68 26.04 40.62
C LYS B 41 -4.68 27.13 40.97
N ALA B 42 -4.22 28.37 41.13
CA ALA B 42 -5.11 29.46 41.51
C ALA B 42 -6.17 29.71 40.44
N CYS B 43 -5.82 29.52 39.18
CA CYS B 43 -6.75 29.79 38.08
C CYS B 43 -7.77 28.68 37.87
N ALA B 44 -7.60 27.53 38.51
CA ALA B 44 -8.50 26.39 38.31
C ALA B 44 -9.69 26.50 39.26
N ASP B 45 -10.60 27.41 38.92
CA ASP B 45 -11.81 27.57 39.73
C ASP B 45 -12.77 26.42 39.52
N ALA B 46 -12.90 25.95 38.28
CA ALA B 46 -13.76 24.82 37.96
C ALA B 46 -13.19 24.10 36.75
N THR B 47 -13.60 22.85 36.57
CA THR B 47 -13.10 22.01 35.50
C THR B 47 -14.03 22.04 34.30
N LEU B 48 -13.51 21.57 33.17
CA LEU B 48 -14.30 21.53 31.95
C LEU B 48 -15.48 20.59 32.08
N SER B 49 -15.30 19.49 32.81
CA SER B 49 -16.38 18.51 33.00
C SER B 49 -17.55 19.09 33.80
N GLN B 50 -17.30 20.05 34.68
CA GLN B 50 -18.38 20.70 35.42
C GLN B 50 -19.05 21.82 34.64
N ILE B 51 -18.51 22.20 33.48
CA ILE B 51 -19.10 23.23 32.65
C ILE B 51 -19.86 22.63 31.48
N THR B 52 -19.31 21.59 30.87
CA THR B 52 -20.00 20.87 29.80
C THR B 52 -20.87 19.74 30.34
N ASN B 53 -21.17 19.74 31.64
CA ASN B 53 -22.00 18.68 32.20
C ASN B 53 -23.42 18.73 31.65
N ASN B 54 -23.87 19.91 31.24
CA ASN B 54 -25.23 20.11 30.80
C ASN B 54 -25.37 20.26 29.29
N ILE B 55 -24.31 20.03 28.53
CA ILE B 55 -24.40 20.12 27.08
C ILE B 55 -24.86 18.78 26.53
N ASP B 56 -25.58 18.82 25.41
CA ASP B 56 -26.15 17.61 24.84
C ASP B 56 -25.04 16.74 24.26
N PRO B 57 -25.09 15.42 24.49
CA PRO B 57 -24.10 14.53 23.87
C PRO B 57 -24.22 14.51 22.36
N VAL B 58 -23.08 14.27 21.70
CA VAL B 58 -23.07 14.18 20.24
C VAL B 58 -23.90 13.00 19.77
N GLY B 59 -23.75 11.86 20.42
CA GLY B 59 -24.40 10.63 20.02
C GLY B 59 -23.43 9.71 19.30
N ARG B 60 -23.99 8.61 18.81
CA ARG B 60 -23.19 7.60 18.12
C ARG B 60 -22.87 8.10 16.71
N ILE B 61 -21.58 8.10 16.36
CA ILE B 61 -21.12 8.54 15.06
C ILE B 61 -20.64 7.32 14.28
N GLN B 62 -21.23 7.11 13.11
CA GLN B 62 -20.96 5.93 12.28
C GLN B 62 -20.48 6.42 10.91
N MET B 63 -19.17 6.50 10.75
CA MET B 63 -18.59 6.93 9.49
C MET B 63 -18.15 5.72 8.67
N ARG B 64 -18.44 5.76 7.38
CA ARG B 64 -18.17 4.65 6.47
C ARG B 64 -16.99 5.00 5.57
N THR B 65 -16.33 3.96 5.07
CA THR B 65 -15.21 4.16 4.17
C THR B 65 -15.72 4.47 2.77
N ARG B 66 -15.73 5.75 2.41
CA ARG B 66 -16.17 6.21 1.10
C ARG B 66 -15.23 5.81 -0.02
N ARG B 67 -13.92 5.92 0.21
CA ARG B 67 -12.94 5.56 -0.81
C ARG B 67 -11.69 5.00 -0.14
N THR B 68 -11.13 3.98 -0.77
CA THR B 68 -9.87 3.38 -0.34
C THR B 68 -8.82 3.62 -1.42
N LEU B 69 -7.73 4.27 -1.05
CA LEU B 69 -6.67 4.63 -1.99
C LEU B 69 -5.59 3.55 -1.96
N ARG B 70 -5.36 2.92 -3.10
CA ARG B 70 -4.40 1.83 -3.21
C ARG B 70 -3.29 2.24 -4.17
N GLY B 71 -2.12 1.64 -3.97
CA GLY B 71 -0.98 1.92 -4.83
C GLY B 71 0.34 1.95 -4.10
N HIS B 72 0.32 2.27 -2.82
CA HIS B 72 1.53 2.18 -2.01
C HIS B 72 1.87 0.73 -1.73
N LEU B 73 3.15 0.39 -1.84
CA LEU B 73 3.62 -0.98 -1.64
C LEU B 73 4.42 -1.13 -0.35
N ALA B 74 4.22 -0.24 0.61
CA ALA B 74 4.89 -0.31 1.90
C ALA B 74 4.06 0.45 2.91
N LYS B 75 4.60 0.60 4.11
CA LYS B 75 3.90 1.31 5.17
C LYS B 75 3.76 2.78 4.82
N ILE B 76 2.58 3.33 5.07
CA ILE B 76 2.32 4.75 4.89
C ILE B 76 2.67 5.47 6.18
N TYR B 77 3.53 6.49 6.09
CA TYR B 77 4.00 7.17 7.28
C TYR B 77 3.33 8.52 7.52
N ALA B 78 2.91 9.22 6.48
CA ALA B 78 2.29 10.53 6.66
C ALA B 78 1.39 10.84 5.49
N MET B 79 0.40 11.69 5.75
CA MET B 79 -0.45 12.25 4.71
C MET B 79 -0.79 13.68 5.09
N HIS B 80 -1.04 14.51 4.08
CA HIS B 80 -1.42 15.89 4.32
C HIS B 80 -2.41 16.32 3.24
N TRP B 81 -3.54 16.87 3.68
CA TRP B 81 -4.53 17.42 2.75
C TRP B 81 -4.04 18.75 2.18
N GLY B 82 -4.39 18.98 0.91
CA GLY B 82 -4.26 20.30 0.33
C GLY B 82 -5.36 21.22 0.83
N THR B 83 -5.14 22.51 0.63
CA THR B 83 -6.12 23.50 1.09
C THR B 83 -7.41 23.49 0.27
N ASP B 84 -7.43 22.80 -0.87
CA ASP B 84 -8.64 22.68 -1.66
C ASP B 84 -9.52 21.52 -1.21
N SER B 85 -9.08 20.78 -0.19
CA SER B 85 -9.83 19.65 0.37
C SER B 85 -10.07 18.54 -0.64
N ARG B 86 -9.31 18.51 -1.71
CA ARG B 86 -9.46 17.45 -2.69
C ARG B 86 -8.16 16.71 -2.98
N LEU B 87 -7.05 17.42 -3.08
CA LEU B 87 -5.76 16.80 -3.34
C LEU B 87 -5.07 16.48 -2.02
N LEU B 88 -4.51 15.28 -1.92
CA LEU B 88 -3.77 14.92 -0.72
C LEU B 88 -2.49 14.21 -1.10
N VAL B 89 -1.42 14.50 -0.36
CA VAL B 89 -0.12 13.89 -0.57
C VAL B 89 0.11 12.86 0.52
N SER B 90 0.67 11.71 0.13
CA SER B 90 1.00 10.65 1.06
C SER B 90 2.43 10.19 0.82
N ALA B 91 3.07 9.74 1.89
CA ALA B 91 4.45 9.29 1.84
C ALA B 91 4.53 7.86 2.34
N SER B 92 5.27 7.03 1.59
CA SER B 92 5.40 5.62 1.96
C SER B 92 6.87 5.27 2.09
N GLN B 93 7.14 4.17 2.78
CA GLN B 93 8.50 3.68 3.00
C GLN B 93 9.12 3.09 1.75
N ASP B 94 8.36 2.90 0.68
CA ASP B 94 8.90 2.40 -0.57
C ASP B 94 9.51 3.50 -1.43
N GLY B 95 9.84 4.64 -0.84
CA GLY B 95 10.43 5.74 -1.57
C GLY B 95 9.49 6.51 -2.45
N LYS B 96 8.19 6.50 -2.17
CA LYS B 96 7.20 7.12 -3.03
C LYS B 96 6.43 8.19 -2.30
N LEU B 97 6.23 9.31 -3.00
CA LEU B 97 5.39 10.41 -2.55
C LEU B 97 4.28 10.58 -3.58
N ILE B 98 3.07 10.18 -3.23
CA ILE B 98 1.97 10.11 -4.19
C ILE B 98 0.96 11.21 -3.89
N ILE B 99 0.60 11.96 -4.92
CA ILE B 99 -0.42 13.00 -4.84
C ILE B 99 -1.69 12.44 -5.48
N TRP B 100 -2.74 12.34 -4.67
CA TRP B 100 -4.03 11.76 -5.03
C TRP B 100 -5.09 12.84 -5.21
N ASP B 101 -5.95 12.62 -6.19
CA ASP B 101 -7.24 13.27 -6.30
C ASP B 101 -8.24 12.41 -5.53
N SER B 102 -8.72 12.91 -4.40
CA SER B 102 -9.55 12.11 -3.52
C SER B 102 -10.90 11.76 -4.11
N TYR B 103 -11.50 12.66 -4.90
CA TYR B 103 -12.85 12.43 -5.42
C TYR B 103 -12.91 11.28 -6.41
N THR B 104 -11.89 11.12 -7.25
CA THR B 104 -11.87 10.08 -8.27
C THR B 104 -10.87 8.98 -7.97
N THR B 105 -10.14 9.08 -6.87
CA THR B 105 -9.08 8.13 -6.51
C THR B 105 -8.05 8.02 -7.63
N ASN B 106 -7.79 9.15 -8.28
CA ASN B 106 -6.82 9.21 -9.36
C ASN B 106 -5.48 9.68 -8.81
N LYS B 107 -4.43 8.96 -9.17
CA LYS B 107 -3.08 9.36 -8.83
C LYS B 107 -2.66 10.51 -9.72
N VAL B 108 -2.67 11.71 -9.18
CA VAL B 108 -2.24 12.90 -9.91
C VAL B 108 -0.74 12.90 -10.12
N HIS B 109 0.03 12.51 -9.11
CA HIS B 109 1.48 12.51 -9.23
C HIS B 109 2.08 11.35 -8.45
N ALA B 110 3.23 10.89 -8.91
CA ALA B 110 4.05 9.91 -8.19
C ALA B 110 5.49 10.37 -8.24
N ILE B 111 6.06 10.72 -7.10
CA ILE B 111 7.39 11.30 -6.98
C ILE B 111 8.31 10.26 -6.38
N PRO B 112 9.33 9.79 -7.09
CA PRO B 112 10.36 8.96 -6.46
C PRO B 112 11.22 9.80 -5.53
N LEU B 113 11.74 9.16 -4.49
CA LEU B 113 12.53 9.84 -3.48
C LEU B 113 13.92 9.22 -3.38
N ARG B 114 14.92 10.08 -3.15
CA ARG B 114 16.29 9.60 -3.00
C ARG B 114 16.49 8.76 -1.76
N SER B 115 15.67 8.96 -0.72
CA SER B 115 15.74 8.18 0.50
C SER B 115 14.37 7.57 0.75
N SER B 116 14.34 6.26 1.00
CA SER B 116 13.09 5.57 1.26
C SER B 116 12.64 5.66 2.71
N TRP B 117 13.43 6.30 3.57
CA TRP B 117 13.10 6.41 4.99
C TRP B 117 12.45 7.77 5.25
N VAL B 118 11.16 7.82 4.96
CA VAL B 118 10.36 9.03 5.06
C VAL B 118 9.48 8.96 6.30
N MET B 119 9.47 10.04 7.06
CA MET B 119 8.64 10.15 8.25
C MET B 119 7.59 11.23 8.19
N THR B 120 7.67 12.15 7.23
CA THR B 120 6.74 13.26 7.15
C THR B 120 6.58 13.72 5.71
N CYS B 121 5.46 14.39 5.46
CA CYS B 121 5.19 15.03 4.18
C CYS B 121 4.28 16.23 4.44
N ALA B 122 4.36 17.21 3.55
CA ALA B 122 3.56 18.42 3.70
C ALA B 122 3.11 18.90 2.34
N TYR B 123 1.94 19.54 2.32
CA TYR B 123 1.35 20.13 1.12
C TYR B 123 1.29 21.63 1.33
N ALA B 124 1.89 22.39 0.42
CA ALA B 124 1.86 23.83 0.54
C ALA B 124 0.43 24.35 0.41
N PRO B 125 0.06 25.37 1.17
CA PRO B 125 -1.31 25.91 1.04
C PRO B 125 -1.61 26.46 -0.34
N SER B 126 -0.59 26.90 -1.09
CA SER B 126 -0.78 27.31 -2.47
C SER B 126 -0.91 26.13 -3.42
N GLY B 127 -0.42 24.95 -3.04
CA GLY B 127 -0.49 23.79 -3.89
C GLY B 127 0.63 23.65 -4.89
N ASN B 128 1.59 24.59 -4.90
CA ASN B 128 2.66 24.54 -5.87
C ASN B 128 3.79 23.60 -5.46
N TYR B 129 3.94 23.34 -4.17
CA TYR B 129 5.06 22.57 -3.65
C TYR B 129 4.58 21.50 -2.69
N VAL B 130 5.41 20.47 -2.54
CA VAL B 130 5.24 19.48 -1.48
C VAL B 130 6.56 19.33 -0.75
N ALA B 131 6.49 18.82 0.47
CA ALA B 131 7.67 18.64 1.30
C ALA B 131 7.79 17.19 1.74
N CYS B 132 9.01 16.75 1.99
CA CYS B 132 9.27 15.39 2.43
C CYS B 132 10.51 15.40 3.31
N GLY B 133 10.60 14.42 4.21
CA GLY B 133 11.76 14.34 5.08
C GLY B 133 11.74 13.04 5.86
N GLY B 134 12.85 12.75 6.51
CA GLY B 134 12.97 11.52 7.26
C GLY B 134 14.34 11.28 7.88
N LEU B 135 14.87 10.07 7.69
CA LEU B 135 16.12 9.67 8.32
C LEU B 135 17.36 10.21 7.63
N ASP B 136 17.20 10.93 6.52
CA ASP B 136 18.31 11.58 5.86
C ASP B 136 18.59 12.97 6.41
N ASN B 137 17.81 13.44 7.38
CA ASN B 137 17.97 14.73 8.05
C ASN B 137 17.81 15.92 7.11
N ILE B 138 17.18 15.70 5.95
CA ILE B 138 17.06 16.73 4.92
C ILE B 138 15.59 16.89 4.59
N CYS B 139 15.13 18.14 4.49
CA CYS B 139 13.78 18.44 4.03
C CYS B 139 13.84 18.73 2.54
N SER B 140 13.28 17.84 1.73
CA SER B 140 13.26 18.00 0.28
C SER B 140 11.95 18.63 -0.12
N ILE B 141 12.03 19.75 -0.86
CA ILE B 141 10.88 20.50 -1.32
C ILE B 141 10.80 20.33 -2.83
N TYR B 142 9.68 19.74 -3.28
CA TYR B 142 9.45 19.42 -4.67
C TYR B 142 8.46 20.39 -5.29
N ASN B 143 8.75 20.82 -6.51
CA ASN B 143 7.94 21.77 -7.26
C ASN B 143 7.01 21.00 -8.18
N LEU B 144 5.71 21.16 -7.99
CA LEU B 144 4.71 20.43 -8.78
C LEU B 144 4.35 21.17 -10.06
N LYS B 145 3.95 22.43 -9.95
CA LYS B 145 3.46 23.20 -11.10
C LYS B 145 4.66 23.86 -11.78
N THR B 146 5.25 23.11 -12.70
CA THR B 146 6.39 23.56 -13.47
C THR B 146 6.24 23.12 -14.91
N ARG B 147 6.93 23.82 -15.82
CA ARG B 147 7.03 23.32 -17.17
C ARG B 147 7.83 22.01 -17.18
N GLU B 148 7.93 21.42 -18.37
CA GLU B 148 8.54 20.11 -18.61
C GLU B 148 7.67 18.97 -18.08
N GLY B 149 6.58 19.28 -17.37
CA GLY B 149 5.59 18.26 -17.03
C GLY B 149 6.11 17.18 -16.10
N ASN B 150 7.14 17.48 -15.32
CA ASN B 150 7.66 16.51 -14.37
C ASN B 150 8.06 17.22 -13.09
N VAL B 151 7.76 16.58 -11.96
CA VAL B 151 8.08 17.16 -10.66
C VAL B 151 9.59 17.06 -10.43
N ARG B 152 10.19 18.18 -10.01
CA ARG B 152 11.62 18.22 -9.77
C ARG B 152 11.87 18.69 -8.34
N VAL B 153 13.03 18.30 -7.81
CA VAL B 153 13.42 18.72 -6.47
C VAL B 153 13.81 20.19 -6.50
N SER B 154 12.96 21.04 -5.95
CA SER B 154 13.22 22.47 -5.92
C SER B 154 14.30 22.83 -4.91
N ARG B 155 14.30 22.18 -3.75
CA ARG B 155 15.23 22.55 -2.69
C ARG B 155 15.52 21.37 -1.79
N GLU B 156 16.74 21.35 -1.23
CA GLU B 156 17.11 20.40 -0.18
C GLU B 156 17.64 21.19 1.00
N LEU B 157 16.89 21.18 2.11
CA LEU B 157 17.25 21.93 3.30
C LEU B 157 17.98 20.99 4.26
N ALA B 158 19.23 21.32 4.54
CA ALA B 158 20.09 20.55 5.44
C ALA B 158 20.55 21.44 6.59
N GLY B 159 20.90 20.80 7.70
CA GLY B 159 21.28 21.54 8.89
C GLY B 159 20.82 20.87 10.16
N HIS B 160 19.78 20.07 10.08
CA HIS B 160 19.38 19.26 11.22
C HIS B 160 20.33 18.09 11.38
N THR B 161 20.76 17.85 12.62
CA THR B 161 21.65 16.75 12.94
C THR B 161 20.92 15.47 13.29
N GLY B 162 19.59 15.49 13.25
CA GLY B 162 18.78 14.31 13.48
C GLY B 162 17.70 14.17 12.41
N TYR B 163 16.92 13.10 12.55
CA TYR B 163 15.87 12.83 11.58
C TYR B 163 14.77 13.87 11.68
N LEU B 164 14.09 14.08 10.56
CA LEU B 164 12.96 15.00 10.49
C LEU B 164 11.68 14.26 10.82
N SER B 165 10.96 14.74 11.83
CA SER B 165 9.72 14.13 12.24
C SER B 165 8.49 14.80 11.64
N CYS B 166 8.54 16.12 11.43
CA CYS B 166 7.39 16.85 10.93
C CYS B 166 7.85 18.11 10.24
N CYS B 167 7.10 18.52 9.21
CA CYS B 167 7.36 19.75 8.48
C CYS B 167 6.04 20.37 8.08
N ARG B 168 5.95 21.70 8.17
CA ARG B 168 4.74 22.43 7.85
C ARG B 168 5.09 23.72 7.13
N PHE B 169 4.31 24.06 6.11
CA PHE B 169 4.50 25.27 5.35
C PHE B 169 3.79 26.45 6.03
N LEU B 170 4.45 27.61 6.02
CA LEU B 170 3.80 28.87 6.32
C LEU B 170 3.37 29.61 5.06
N ASP B 171 4.20 29.54 4.02
CA ASP B 171 3.90 30.08 2.70
C ASP B 171 4.78 29.33 1.71
N ASP B 172 4.91 29.87 0.50
CA ASP B 172 5.75 29.22 -0.49
C ASP B 172 7.23 29.39 -0.21
N ASN B 173 7.61 30.25 0.74
CA ASN B 173 9.01 30.53 1.00
C ASN B 173 9.47 30.19 2.41
N GLN B 174 8.54 30.01 3.34
CA GLN B 174 8.87 29.70 4.73
C GLN B 174 8.38 28.30 5.07
N ILE B 175 9.21 27.52 5.75
CA ILE B 175 8.82 26.19 6.20
C ILE B 175 9.36 25.95 7.61
N VAL B 176 8.58 25.24 8.42
CA VAL B 176 8.94 24.93 9.79
C VAL B 176 9.13 23.43 9.91
N THR B 177 10.29 23.00 10.40
CA THR B 177 10.64 21.60 10.48
C THR B 177 10.98 21.22 11.91
N SER B 178 10.50 20.05 12.32
CA SER B 178 10.77 19.47 13.62
C SER B 178 11.70 18.28 13.43
N SER B 179 12.69 18.16 14.30
CA SER B 179 13.74 17.16 14.14
C SER B 179 13.96 16.37 15.43
N GLY B 180 14.61 15.24 15.28
CA GLY B 180 15.00 14.39 16.39
C GLY B 180 16.22 14.83 17.14
N ASP B 181 16.85 15.92 16.71
CA ASP B 181 17.98 16.50 17.43
C ASP B 181 17.55 17.50 18.49
N THR B 182 16.30 17.41 18.96
CA THR B 182 15.68 18.20 20.02
C THR B 182 15.39 19.64 19.60
N THR B 183 15.51 19.99 18.34
CA THR B 183 15.34 21.36 17.89
C THR B 183 14.26 21.46 16.83
N CYS B 184 13.84 22.70 16.57
CA CYS B 184 12.98 23.03 15.44
C CYS B 184 13.63 24.15 14.64
N ALA B 185 13.26 24.24 13.36
CA ALA B 185 13.92 25.21 12.50
C ALA B 185 12.90 25.87 11.57
N LEU B 186 13.02 27.19 11.45
CA LEU B 186 12.29 27.97 10.47
C LEU B 186 13.24 28.32 9.33
N TRP B 187 12.95 27.79 8.15
CA TRP B 187 13.78 27.91 6.96
C TRP B 187 13.15 28.84 5.94
N ASP B 188 14.00 29.62 5.28
CA ASP B 188 13.67 30.35 4.07
C ASP B 188 14.06 29.46 2.89
N ILE B 189 13.08 29.11 2.06
CA ILE B 189 13.30 28.09 1.03
C ILE B 189 14.23 28.61 -0.06
N GLU B 190 14.02 29.86 -0.50
CA GLU B 190 14.84 30.39 -1.58
C GLU B 190 16.30 30.48 -1.19
N THR B 191 16.58 30.98 0.01
CA THR B 191 17.97 31.03 0.49
C THR B 191 18.47 29.67 0.95
N GLY B 192 17.61 28.85 1.54
CA GLY B 192 17.99 27.56 2.05
C GLY B 192 18.60 27.57 3.43
N GLN B 193 18.50 28.69 4.15
CA GLN B 193 19.16 28.84 5.44
C GLN B 193 18.14 28.92 6.56
N GLN B 194 18.51 28.38 7.71
CA GLN B 194 17.67 28.43 8.89
C GLN B 194 17.55 29.86 9.39
N THR B 195 16.42 30.49 9.09
CA THR B 195 16.15 31.83 9.61
C THR B 195 15.93 31.85 11.10
N THR B 196 15.47 30.75 11.69
CA THR B 196 15.29 30.70 13.13
C THR B 196 15.51 29.28 13.64
N THR B 197 16.05 29.15 14.85
CA THR B 197 16.22 27.87 15.49
C THR B 197 15.55 27.90 16.86
N PHE B 198 14.69 26.93 17.13
CA PHE B 198 13.94 26.82 18.37
C PHE B 198 14.57 25.69 19.20
N THR B 199 15.03 26.04 20.39
CA THR B 199 15.69 25.11 21.30
C THR B 199 15.02 25.15 22.67
N GLY B 200 15.15 24.05 23.40
CA GLY B 200 14.57 23.98 24.73
C GLY B 200 14.04 22.62 25.11
N HIS B 201 13.64 21.83 24.11
CA HIS B 201 13.25 20.45 24.37
C HIS B 201 14.47 19.61 24.73
N THR B 202 14.29 18.71 25.70
CA THR B 202 15.35 17.82 26.12
C THR B 202 15.34 16.47 25.40
N GLY B 203 14.32 16.20 24.58
CA GLY B 203 14.26 15.00 23.78
C GLY B 203 13.79 15.16 22.34
N ASP B 204 13.54 14.03 21.70
CA ASP B 204 13.16 14.03 20.26
C ASP B 204 11.81 14.73 20.07
N VAL B 205 11.74 15.71 19.18
CA VAL B 205 10.56 16.51 18.91
C VAL B 205 9.82 15.69 17.86
N MET B 206 8.61 15.26 18.19
CA MET B 206 7.89 14.29 17.35
C MET B 206 6.82 14.91 16.48
N SER B 207 6.13 15.95 16.94
CA SER B 207 5.02 16.52 16.21
C SER B 207 5.10 18.03 16.25
N LEU B 208 4.42 18.66 15.29
CA LEU B 208 4.43 20.10 15.12
C LEU B 208 3.06 20.52 14.59
N SER B 209 2.54 21.63 15.10
CA SER B 209 1.24 22.12 14.68
C SER B 209 1.25 23.64 14.61
N LEU B 210 0.93 24.17 13.43
CA LEU B 210 0.89 25.60 13.21
C LEU B 210 -0.45 26.18 13.63
N ALA B 211 -0.40 27.36 14.24
CA ALA B 211 -1.62 28.04 14.63
C ALA B 211 -2.37 28.52 13.39
N PRO B 212 -3.68 28.70 13.48
CA PRO B 212 -4.45 29.19 12.33
C PRO B 212 -3.96 30.52 11.78
N ASP B 213 -3.48 31.42 12.63
CA ASP B 213 -2.95 32.70 12.20
C ASP B 213 -1.48 32.62 11.82
N THR B 214 -0.84 31.46 12.02
CA THR B 214 0.54 31.15 11.67
C THR B 214 1.56 32.05 12.38
N ARG B 215 1.27 32.51 13.60
CA ARG B 215 2.27 33.28 14.35
C ARG B 215 2.88 32.47 15.48
N LEU B 216 2.11 31.56 16.07
CA LEU B 216 2.60 30.66 17.11
C LEU B 216 2.55 29.23 16.60
N PHE B 217 3.28 28.35 17.28
CA PHE B 217 3.12 26.92 16.99
C PHE B 217 3.56 26.09 18.20
N VAL B 218 3.02 24.89 18.28
CA VAL B 218 3.25 23.99 19.40
C VAL B 218 4.00 22.76 18.90
N SER B 219 4.92 22.29 19.75
CA SER B 219 5.71 21.11 19.44
C SER B 219 5.76 20.19 20.66
N GLY B 220 5.36 18.94 20.46
CA GLY B 220 5.44 17.92 21.48
C GLY B 220 6.68 17.07 21.26
N ALA B 221 7.29 16.63 22.36
CA ALA B 221 8.53 15.88 22.27
C ALA B 221 8.45 14.61 23.09
N CYS B 222 9.56 13.88 23.13
CA CYS B 222 9.70 12.68 23.94
C CYS B 222 10.03 12.99 25.39
N ASP B 223 9.91 14.24 25.81
CA ASP B 223 10.07 14.64 27.20
C ASP B 223 8.76 14.57 27.98
N ALA B 224 7.69 14.08 27.36
CA ALA B 224 6.33 14.26 27.87
C ALA B 224 6.04 15.74 28.07
N SER B 225 6.52 16.55 27.13
CA SER B 225 6.39 18.00 27.21
C SER B 225 6.05 18.57 25.86
N ALA B 226 5.19 19.60 25.89
CA ALA B 226 4.83 20.36 24.71
C ALA B 226 5.20 21.82 24.93
N LYS B 227 5.74 22.46 23.90
CA LYS B 227 6.19 23.83 24.01
C LYS B 227 5.47 24.69 22.98
N LEU B 228 4.99 25.84 23.43
CA LEU B 228 4.38 26.85 22.58
C LEU B 228 5.41 27.93 22.30
N TRP B 229 5.73 28.10 21.02
CA TRP B 229 6.77 28.97 20.51
C TRP B 229 6.16 30.10 19.67
N ASP B 230 6.87 31.23 19.65
CA ASP B 230 6.54 32.37 18.80
C ASP B 230 7.50 32.35 17.61
N VAL B 231 6.94 32.38 16.40
CA VAL B 231 7.75 32.24 15.19
C VAL B 231 8.64 33.46 14.99
N ARG B 232 8.08 34.65 15.16
CA ARG B 232 8.82 35.87 14.83
C ARG B 232 9.89 36.19 15.87
N GLU B 233 9.66 35.84 17.13
CA GLU B 233 10.64 36.14 18.17
C GLU B 233 11.60 34.99 18.45
N GLY B 234 11.22 33.77 18.10
CA GLY B 234 12.10 32.62 18.25
C GLY B 234 12.21 32.07 19.65
N MET B 235 11.40 32.54 20.58
CA MET B 235 11.47 32.11 21.97
C MET B 235 10.33 31.15 22.30
N CYS B 236 10.52 30.40 23.38
CA CYS B 236 9.49 29.51 23.89
C CYS B 236 8.59 30.28 24.84
N ARG B 237 7.32 30.42 24.47
CA ARG B 237 6.37 31.17 25.29
C ARG B 237 5.80 30.35 26.43
N GLN B 238 5.51 29.07 26.22
CA GLN B 238 4.92 28.26 27.29
C GLN B 238 5.39 26.82 27.19
N THR B 239 5.30 26.11 28.32
CA THR B 239 5.61 24.70 28.41
C THR B 239 4.52 23.98 29.17
N PHE B 240 4.04 22.87 28.63
CA PHE B 240 2.95 22.09 29.18
C PHE B 240 3.45 20.68 29.45
N THR B 241 3.21 20.18 30.66
CA THR B 241 3.75 18.90 31.14
C THR B 241 2.63 18.17 31.89
N GLY B 242 1.94 17.27 31.18
CA GLY B 242 0.91 16.48 31.82
C GLY B 242 0.99 15.00 31.52
N HIS B 243 1.75 14.62 30.50
CA HIS B 243 1.85 13.25 30.06
C HIS B 243 2.92 12.50 30.84
N GLU B 244 2.94 11.18 30.64
CA GLU B 244 3.89 10.30 31.28
C GLU B 244 4.87 9.66 30.30
N SER B 245 4.61 9.76 29.00
CA SER B 245 5.51 9.22 28.00
C SER B 245 5.62 10.15 26.80
N ASP B 246 6.18 9.64 25.71
CA ASP B 246 6.44 10.48 24.54
C ASP B 246 5.14 11.01 23.94
N ILE B 247 5.15 12.29 23.58
CA ILE B 247 4.04 12.91 22.86
C ILE B 247 4.27 12.68 21.37
N ASN B 248 3.43 11.85 20.76
CA ASN B 248 3.61 11.49 19.37
C ASN B 248 2.85 12.40 18.41
N ALA B 249 1.77 13.04 18.87
CA ALA B 249 0.92 13.82 17.99
C ALA B 249 0.49 15.09 18.71
N ILE B 250 0.32 16.16 17.94
CA ILE B 250 -0.14 17.43 18.46
C ILE B 250 -0.96 18.14 17.40
N CYS B 251 -2.02 18.82 17.83
CA CYS B 251 -2.90 19.52 16.92
C CYS B 251 -3.51 20.73 17.62
N PHE B 252 -3.70 21.80 16.86
CA PHE B 252 -4.30 23.01 17.38
C PHE B 252 -5.82 22.93 17.32
N PHE B 253 -6.46 23.57 18.30
CA PHE B 253 -7.89 23.79 18.21
C PHE B 253 -8.18 24.78 17.09
N PRO B 254 -9.35 24.71 16.45
CA PRO B 254 -9.63 25.62 15.33
C PRO B 254 -9.53 27.09 15.65
N ASN B 255 -9.80 27.52 16.89
CA ASN B 255 -9.74 28.93 17.24
C ASN B 255 -8.35 29.38 17.65
N GLY B 256 -7.39 28.46 17.77
CA GLY B 256 -6.03 28.82 18.10
C GLY B 256 -5.75 29.10 19.56
N ASN B 257 -6.67 28.76 20.46
CA ASN B 257 -6.48 29.00 21.89
C ASN B 257 -6.23 27.73 22.69
N ALA B 258 -6.44 26.56 22.09
CA ALA B 258 -6.20 25.31 22.78
C ALA B 258 -5.54 24.35 21.82
N PHE B 259 -5.02 23.26 22.37
CA PHE B 259 -4.42 22.23 21.53
C PHE B 259 -4.48 20.88 22.22
N ALA B 260 -4.47 19.83 21.41
CA ALA B 260 -4.58 18.46 21.90
C ALA B 260 -3.31 17.69 21.58
N THR B 261 -2.93 16.82 22.51
CA THR B 261 -1.73 15.99 22.39
C THR B 261 -2.09 14.54 22.65
N GLY B 262 -1.43 13.65 21.94
CA GLY B 262 -1.58 12.22 22.18
C GLY B 262 -0.24 11.61 22.50
N SER B 263 -0.23 10.68 23.45
CA SER B 263 1.02 10.11 23.93
C SER B 263 0.98 8.59 23.84
N ASP B 264 2.12 7.98 24.15
CA ASP B 264 2.21 6.54 24.33
C ASP B 264 1.55 6.08 25.62
N ASP B 265 1.15 7.01 26.48
CA ASP B 265 0.39 6.73 27.70
C ASP B 265 -1.02 6.23 27.42
N ALA B 266 -1.37 6.02 26.14
CA ALA B 266 -2.75 5.72 25.75
C ALA B 266 -3.68 6.84 26.21
N THR B 267 -3.20 8.07 26.14
CA THR B 267 -3.94 9.22 26.64
C THR B 267 -3.80 10.40 25.69
N CYS B 268 -4.92 11.08 25.45
CA CYS B 268 -4.94 12.39 24.83
C CYS B 268 -5.22 13.43 25.90
N ARG B 269 -4.77 14.65 25.66
CA ARG B 269 -4.99 15.74 26.61
C ARG B 269 -5.21 17.03 25.84
N LEU B 270 -6.17 17.81 26.32
CA LEU B 270 -6.48 19.12 25.78
C LEU B 270 -5.98 20.18 26.75
N PHE B 271 -5.07 21.03 26.27
CA PHE B 271 -4.46 22.11 27.02
C PHE B 271 -4.96 23.45 26.49
N ASP B 272 -5.10 24.42 27.39
CA ASP B 272 -5.51 25.77 27.05
C ASP B 272 -4.33 26.72 27.20
N LEU B 273 -4.13 27.56 26.19
CA LEU B 273 -2.97 28.46 26.20
C LEU B 273 -3.15 29.63 27.16
N ARG B 274 -4.35 30.20 27.22
CA ARG B 274 -4.59 31.36 28.09
C ARG B 274 -4.66 30.99 29.56
N ALA B 275 -5.19 29.81 29.89
CA ALA B 275 -5.14 29.31 31.26
C ALA B 275 -3.82 28.63 31.57
N ASP B 276 -3.02 28.32 30.55
CA ASP B 276 -1.66 27.78 30.72
C ASP B 276 -1.66 26.48 31.52
N GLN B 277 -2.66 25.66 31.28
CA GLN B 277 -2.75 24.38 31.99
C GLN B 277 -3.69 23.45 31.22
N GLU B 278 -3.64 22.18 31.59
CA GLU B 278 -4.45 21.17 30.92
C GLU B 278 -5.92 21.35 31.26
N LEU B 279 -6.76 21.21 30.24
CA LEU B 279 -8.21 21.29 30.41
C LEU B 279 -8.86 19.92 30.56
N MET B 280 -8.50 18.96 29.72
CA MET B 280 -9.23 17.70 29.73
C MET B 280 -8.31 16.55 29.37
N THR B 281 -8.68 15.35 29.82
CA THR B 281 -7.96 14.12 29.52
C THR B 281 -8.90 13.12 28.88
N TYR B 282 -8.50 12.58 27.74
CA TYR B 282 -9.26 11.56 27.02
C TYR B 282 -8.52 10.24 27.19
N SER B 283 -9.12 9.33 27.96
CA SER B 283 -8.51 8.07 28.30
C SER B 283 -9.61 7.05 28.56
N HIS B 284 -9.27 5.78 28.37
CA HIS B 284 -10.22 4.70 28.61
C HIS B 284 -9.47 3.50 29.15
N ASP B 285 -10.11 2.77 30.07
CA ASP B 285 -9.46 1.61 30.68
C ASP B 285 -9.18 0.51 29.67
N ASN B 286 -9.94 0.44 28.59
CA ASN B 286 -9.75 -0.58 27.57
C ASN B 286 -8.70 -0.17 26.54
N ILE B 287 -8.10 1.01 26.68
CA ILE B 287 -7.10 1.51 25.75
C ILE B 287 -5.76 1.45 26.45
N ILE B 288 -4.85 0.62 25.94
CA ILE B 288 -3.51 0.46 26.49
C ILE B 288 -2.44 0.69 25.43
N CYS B 289 -2.83 1.08 24.23
CA CYS B 289 -1.91 1.25 23.11
C CYS B 289 -1.61 2.73 22.90
N GLY B 290 -0.49 2.99 22.24
CA GLY B 290 -0.08 4.35 22.00
C GLY B 290 -0.96 5.06 20.98
N ILE B 291 -0.80 6.38 20.94
CA ILE B 291 -1.57 7.23 20.04
C ILE B 291 -0.63 7.84 19.02
N THR B 292 -0.83 7.47 17.75
CA THR B 292 0.04 7.93 16.67
C THR B 292 -0.34 9.29 16.12
N SER B 293 -1.64 9.60 16.07
CA SER B 293 -2.08 10.85 15.46
C SER B 293 -3.34 11.34 16.17
N VAL B 294 -3.50 12.67 16.20
CA VAL B 294 -4.71 13.30 16.68
C VAL B 294 -5.11 14.41 15.70
N SER B 295 -6.40 14.72 15.67
CA SER B 295 -6.89 15.77 14.80
C SER B 295 -8.25 16.24 15.30
N PHE B 296 -8.60 17.48 14.97
CA PHE B 296 -9.86 18.08 15.35
C PHE B 296 -10.77 18.20 14.14
N SER B 297 -12.07 18.20 14.40
CA SER B 297 -13.04 18.49 13.35
C SER B 297 -13.08 19.99 13.09
N LYS B 298 -13.88 20.39 12.11
CA LYS B 298 -13.94 21.80 11.74
C LYS B 298 -14.48 22.66 12.87
N SER B 299 -15.51 22.19 13.55
CA SER B 299 -16.08 22.95 14.66
C SER B 299 -15.31 22.77 15.96
N GLY B 300 -14.42 21.78 16.04
CA GLY B 300 -13.70 21.50 17.25
C GLY B 300 -14.43 20.62 18.24
N ARG B 301 -15.64 20.16 17.90
CA ARG B 301 -16.40 19.33 18.82
C ARG B 301 -15.88 17.89 18.85
N LEU B 302 -15.36 17.41 17.73
CA LEU B 302 -14.84 16.06 17.64
C LEU B 302 -13.33 16.06 17.69
N LEU B 303 -12.77 15.01 18.31
CA LEU B 303 -11.33 14.79 18.36
C LEU B 303 -11.06 13.38 17.87
N LEU B 304 -10.41 13.25 16.72
CA LEU B 304 -10.12 11.97 16.13
C LEU B 304 -8.69 11.57 16.44
N ALA B 305 -8.52 10.39 17.04
CA ALA B 305 -7.21 9.93 17.44
C ALA B 305 -6.94 8.54 16.88
N GLY B 306 -5.79 8.36 16.28
CA GLY B 306 -5.39 7.08 15.71
C GLY B 306 -4.46 6.34 16.67
N TYR B 307 -4.64 5.03 16.73
CA TYR B 307 -3.92 4.17 17.67
C TYR B 307 -3.10 3.01 17.11
N ASP B 308 -2.34 2.33 17.96
CA ASP B 308 -1.61 1.14 17.45
C ASP B 308 -2.52 -0.09 17.45
N ASP B 309 -3.78 0.02 17.92
CA ASP B 309 -4.73 -1.12 18.00
C ASP B 309 -5.40 -1.35 16.66
N PHE B 310 -4.91 -0.72 15.58
CA PHE B 310 -5.39 -0.87 14.21
C PHE B 310 -6.68 -0.09 13.94
N ASN B 311 -7.11 0.79 14.82
CA ASN B 311 -8.32 1.59 14.57
C ASN B 311 -8.18 2.97 15.20
N CYS B 312 -9.19 3.81 14.97
CA CYS B 312 -9.23 5.19 15.42
C CYS B 312 -10.47 5.42 16.27
N ASN B 313 -10.37 6.36 17.19
CA ASN B 313 -11.48 6.71 18.08
C ASN B 313 -11.85 8.18 17.91
N VAL B 314 -13.16 8.42 17.87
CA VAL B 314 -13.73 9.76 17.78
C VAL B 314 -14.28 10.11 19.14
N TRP B 315 -13.67 11.11 19.78
CA TRP B 315 -14.03 11.59 21.11
C TRP B 315 -14.85 12.86 21.00
N ASP B 316 -15.76 13.03 21.94
CA ASP B 316 -16.43 14.31 22.13
C ASP B 316 -15.48 15.20 22.91
N ALA B 317 -14.98 16.25 22.27
CA ALA B 317 -13.93 17.07 22.87
C ALA B 317 -14.40 17.81 24.11
N LEU B 318 -15.70 17.96 24.30
CA LEU B 318 -16.22 18.70 25.44
C LEU B 318 -16.67 17.80 26.59
N LYS B 319 -16.96 16.53 26.32
CA LYS B 319 -17.46 15.63 27.35
C LYS B 319 -16.58 14.40 27.56
N ALA B 320 -15.50 14.26 26.82
CA ALA B 320 -14.54 13.17 26.97
C ALA B 320 -15.15 11.80 26.75
N ASP B 321 -16.34 11.74 26.18
CA ASP B 321 -16.97 10.47 25.87
C ASP B 321 -16.63 10.05 24.44
N ARG B 322 -16.31 8.78 24.28
CA ARG B 322 -15.95 8.24 22.98
C ARG B 322 -17.21 8.18 22.11
N ALA B 323 -17.29 9.09 21.14
CA ALA B 323 -18.47 9.17 20.29
C ALA B 323 -18.52 8.06 19.25
N GLY B 324 -17.38 7.57 18.79
CA GLY B 324 -17.41 6.56 17.76
C GLY B 324 -16.06 5.90 17.55
N VAL B 325 -16.05 4.92 16.66
CA VAL B 325 -14.85 4.16 16.33
C VAL B 325 -14.80 3.93 14.83
N LEU B 326 -13.65 4.21 14.23
CA LEU B 326 -13.38 3.86 12.84
C LEU B 326 -12.42 2.67 12.83
N ALA B 327 -12.90 1.52 12.34
CA ALA B 327 -12.21 0.25 12.53
C ALA B 327 -12.04 -0.49 11.21
N GLY B 328 -11.53 0.21 10.19
CA GLY B 328 -11.34 -0.39 8.88
C GLY B 328 -9.92 -0.79 8.53
N HIS B 329 -8.93 -0.52 9.37
CA HIS B 329 -7.54 -0.76 9.03
C HIS B 329 -7.05 -2.08 9.62
N ASP B 330 -6.15 -2.73 8.88
CA ASP B 330 -5.58 -4.01 9.27
C ASP B 330 -4.20 -3.88 9.87
N ASN B 331 -3.74 -2.67 10.15
CA ASN B 331 -2.45 -2.45 10.80
C ASN B 331 -2.49 -1.10 11.50
N ARG B 332 -1.36 -0.70 12.05
CA ARG B 332 -1.28 0.51 12.86
C ARG B 332 -1.65 1.74 12.05
N VAL B 333 -2.59 2.52 12.58
CA VAL B 333 -2.98 3.79 11.96
C VAL B 333 -1.88 4.80 12.24
N SER B 334 -1.13 5.16 11.20
CA SER B 334 0.05 6.01 11.37
C SER B 334 -0.23 7.48 11.15
N CYS B 335 -1.27 7.83 10.41
CA CYS B 335 -1.53 9.25 10.14
C CYS B 335 -3.03 9.44 9.96
N LEU B 336 -3.49 10.64 10.29
CA LEU B 336 -4.88 10.99 10.09
C LEU B 336 -4.99 12.50 9.93
N GLY B 337 -5.94 12.92 9.10
CA GLY B 337 -6.12 14.33 8.83
C GLY B 337 -7.55 14.62 8.45
N VAL B 338 -7.94 15.88 8.66
CA VAL B 338 -9.29 16.37 8.37
C VAL B 338 -9.18 17.51 7.37
N THR B 339 -10.07 17.52 6.38
CA THR B 339 -10.05 18.55 5.36
C THR B 339 -10.41 19.91 5.96
N ASP B 340 -10.04 20.97 5.23
CA ASP B 340 -10.30 22.33 5.70
C ASP B 340 -11.79 22.62 5.80
N ASP B 341 -12.60 22.05 4.91
CA ASP B 341 -14.04 22.23 4.97
C ASP B 341 -14.74 21.22 5.88
N GLY B 342 -13.99 20.26 6.43
CA GLY B 342 -14.55 19.30 7.35
C GLY B 342 -15.38 18.20 6.73
N MET B 343 -15.27 17.98 5.42
CA MET B 343 -16.11 16.97 4.77
C MET B 343 -15.64 15.56 5.09
N ALA B 344 -14.34 15.31 5.07
CA ALA B 344 -13.85 13.94 5.13
C ALA B 344 -12.62 13.86 6.02
N VAL B 345 -12.34 12.64 6.48
CA VAL B 345 -11.18 12.33 7.29
C VAL B 345 -10.37 11.26 6.57
N ALA B 346 -9.08 11.50 6.38
CA ALA B 346 -8.21 10.54 5.73
C ALA B 346 -7.31 9.88 6.77
N THR B 347 -7.32 8.54 6.77
CA THR B 347 -6.48 7.76 7.67
C THR B 347 -5.55 6.89 6.84
N GLY B 348 -4.26 6.98 7.14
CA GLY B 348 -3.26 6.13 6.52
C GLY B 348 -2.60 5.25 7.55
N SER B 349 -2.39 4.00 7.18
CA SER B 349 -1.91 2.99 8.11
C SER B 349 -0.72 2.27 7.51
N TRP B 350 -0.20 1.31 8.26
CA TRP B 350 0.91 0.48 7.82
C TRP B 350 0.48 -0.65 6.89
N ASP B 351 -0.82 -0.81 6.66
CA ASP B 351 -1.32 -1.80 5.74
C ASP B 351 -1.25 -1.35 4.29
N SER B 352 -0.53 -0.25 4.01
CA SER B 352 -0.31 0.32 2.68
C SER B 352 -1.57 0.92 2.07
N PHE B 353 -2.59 1.22 2.86
CA PHE B 353 -3.83 1.75 2.34
C PHE B 353 -4.21 3.05 3.05
N LEU B 354 -4.69 4.00 2.27
CA LEU B 354 -5.36 5.19 2.77
C LEU B 354 -6.86 5.01 2.65
N LYS B 355 -7.59 5.56 3.60
CA LYS B 355 -9.03 5.48 3.60
C LYS B 355 -9.63 6.85 3.87
N ILE B 356 -10.79 7.10 3.29
CA ILE B 356 -11.51 8.35 3.47
C ILE B 356 -12.83 8.04 4.13
N TRP B 357 -13.16 8.77 5.18
CA TRP B 357 -14.34 8.52 5.98
C TRP B 357 -15.18 9.80 6.02
N ASN B 358 -16.49 9.62 5.91
CA ASN B 358 -17.40 10.76 5.87
C ASN B 358 -18.65 10.49 6.70
N GLN C 11 23.94 27.28 31.18
CA GLN C 11 23.11 26.09 31.28
C GLN C 11 21.93 26.31 32.22
N ALA C 12 22.22 26.38 33.52
CA ALA C 12 21.15 26.60 34.50
C ALA C 12 20.58 28.01 34.40
N ARG C 13 21.41 28.99 34.02
CA ARG C 13 20.93 30.36 33.89
C ARG C 13 19.86 30.49 32.81
N LYS C 14 20.03 29.79 31.68
CA LYS C 14 19.00 29.81 30.64
C LYS C 14 17.70 29.22 31.14
N LEU C 15 17.76 28.12 31.89
CA LEU C 15 16.55 27.53 32.45
C LEU C 15 15.88 28.47 33.43
N VAL C 16 16.66 29.15 34.27
CA VAL C 16 16.08 30.10 35.22
C VAL C 16 15.41 31.25 34.48
N GLU C 17 16.06 31.77 33.43
CA GLU C 17 15.45 32.85 32.65
C GLU C 17 14.16 32.38 31.98
N GLN C 18 14.15 31.15 31.46
CA GLN C 18 12.94 30.64 30.82
C GLN C 18 11.81 30.48 31.83
N LEU C 19 12.12 30.00 33.03
CA LEU C 19 11.08 29.87 34.05
C LEU C 19 10.57 31.24 34.50
N LYS C 20 11.47 32.23 34.58
CA LYS C 20 11.03 33.58 34.92
C LYS C 20 10.11 34.15 33.85
N MET C 21 10.43 33.90 32.57
CA MET C 21 9.59 34.41 31.49
C MET C 21 8.26 33.69 31.43
N GLU C 22 8.24 32.39 31.77
CA GLU C 22 6.97 31.66 31.76
C GLU C 22 6.11 32.01 32.97
N ALA C 23 6.72 32.31 34.11
CA ALA C 23 5.94 32.63 35.31
C ALA C 23 5.24 33.98 35.17
N ASN C 24 5.89 34.94 34.51
CA ASN C 24 5.31 36.28 34.34
C ASN C 24 4.43 36.32 33.09
N ILE C 25 3.29 35.65 33.19
CA ILE C 25 2.33 35.55 32.10
C ILE C 25 0.94 35.81 32.67
N ASP C 26 0.16 36.65 31.98
CA ASP C 26 -1.23 36.87 32.36
C ASP C 26 -2.03 35.60 32.11
N ARG C 27 -2.81 35.18 33.11
CA ARG C 27 -3.61 33.97 33.02
C ARG C 27 -5.07 34.28 33.31
N ILE C 28 -5.95 33.51 32.68
CA ILE C 28 -7.39 33.62 32.88
C ILE C 28 -7.87 32.38 33.61
N LYS C 29 -9.10 32.43 34.08
CA LYS C 29 -9.68 31.30 34.78
C LYS C 29 -9.95 30.15 33.82
N VAL C 30 -9.96 28.94 34.36
CA VAL C 30 -10.26 27.76 33.56
C VAL C 30 -11.70 27.80 33.07
N SER C 31 -12.61 28.32 33.90
CA SER C 31 -14.01 28.40 33.53
C SER C 31 -14.23 29.30 32.33
N LYS C 32 -13.53 30.43 32.26
CA LYS C 32 -13.65 31.30 31.10
C LYS C 32 -13.18 30.61 29.84
N ALA C 33 -12.08 29.87 29.91
CA ALA C 33 -11.58 29.14 28.75
C ALA C 33 -12.58 28.06 28.31
N ALA C 34 -13.15 27.34 29.27
CA ALA C 34 -14.14 26.33 28.95
C ALA C 34 -15.38 26.94 28.29
N ALA C 35 -15.83 28.09 28.80
CA ALA C 35 -16.96 28.77 28.20
C ALA C 35 -16.64 29.24 26.79
N ASP C 36 -15.41 29.73 26.57
CA ASP C 36 -15.02 30.13 25.22
C ASP C 36 -15.02 28.97 24.26
N LEU C 37 -14.49 27.81 24.69
CA LEU C 37 -14.51 26.64 23.82
C LEU C 37 -15.94 26.18 23.53
N MET C 38 -16.81 26.19 24.56
CA MET C 38 -18.20 25.82 24.34
C MET C 38 -18.87 26.77 23.35
N ALA C 39 -18.63 28.07 23.50
CA ALA C 39 -19.22 29.04 22.59
C ALA C 39 -18.74 28.83 21.17
N TYR C 40 -17.44 28.55 20.99
CA TYR C 40 -16.92 28.30 19.65
C TYR C 40 -17.56 27.06 19.04
N CYS C 41 -17.69 25.99 19.84
CA CYS C 41 -18.27 24.77 19.30
C CYS C 41 -19.74 24.96 18.95
N GLU C 42 -20.49 25.70 19.77
CA GLU C 42 -21.90 25.93 19.47
C GLU C 42 -22.08 26.83 18.26
N ALA C 43 -21.23 27.85 18.11
CA ALA C 43 -21.37 28.79 17.00
C ALA C 43 -21.14 28.11 15.66
N HIS C 44 -20.17 27.19 15.59
CA HIS C 44 -19.80 26.54 14.35
C HIS C 44 -20.34 25.12 14.24
N ALA C 45 -21.28 24.74 15.09
CA ALA C 45 -21.80 23.38 15.05
C ALA C 45 -22.57 23.10 13.76
N LYS C 46 -23.28 24.11 13.25
CA LYS C 46 -24.09 23.93 12.05
C LYS C 46 -23.25 23.71 10.80
N GLU C 47 -21.99 24.12 10.80
CA GLU C 47 -21.13 24.01 9.63
C GLU C 47 -20.09 22.90 9.77
N ASP C 48 -20.33 21.90 10.62
CA ASP C 48 -19.43 20.77 10.76
C ASP C 48 -20.05 19.57 10.08
N PRO C 49 -19.57 19.16 8.90
CA PRO C 49 -20.18 18.02 8.20
C PRO C 49 -20.08 16.71 8.95
N LEU C 50 -19.06 16.53 9.79
CA LEU C 50 -18.91 15.27 10.52
C LEU C 50 -19.91 15.13 11.66
N LEU C 51 -20.28 16.24 12.31
CA LEU C 51 -21.34 16.18 13.30
C LEU C 51 -22.71 16.01 12.65
N THR C 52 -22.98 16.78 11.59
CA THR C 52 -24.26 16.76 10.89
C THR C 52 -24.03 16.17 9.50
N PRO C 53 -24.41 14.91 9.28
CA PRO C 53 -24.11 14.26 8.00
C PRO C 53 -24.71 15.01 6.82
N VAL C 54 -23.94 15.07 5.74
CA VAL C 54 -24.34 15.81 4.53
C VAL C 54 -25.13 14.87 3.63
N PRO C 55 -26.25 15.32 3.05
CA PRO C 55 -26.98 14.46 2.11
C PRO C 55 -26.13 14.12 0.89
N ALA C 56 -26.44 12.97 0.29
CA ALA C 56 -25.65 12.48 -0.84
C ALA C 56 -25.66 13.47 -2.01
N SER C 57 -26.66 14.35 -2.07
CA SER C 57 -26.69 15.37 -3.12
C SER C 57 -25.55 16.37 -2.98
N GLU C 58 -25.12 16.68 -1.76
CA GLU C 58 -24.05 17.64 -1.52
C GLU C 58 -22.78 17.01 -0.98
N ASN C 59 -22.75 15.69 -0.79
CA ASN C 59 -21.57 15.01 -0.30
C ASN C 59 -20.70 14.61 -1.49
N PRO C 60 -19.48 15.15 -1.60
CA PRO C 60 -18.62 14.77 -2.74
C PRO C 60 -18.08 13.36 -2.66
N PHE C 61 -18.07 12.74 -1.48
CA PHE C 61 -17.55 11.39 -1.32
C PHE C 61 -18.68 10.38 -1.23
N VAL D 2 11.15 24.58 -23.75
CA VAL D 2 10.12 23.82 -24.45
C VAL D 2 10.10 24.25 -25.91
N GLN D 3 10.06 23.27 -26.81
CA GLN D 3 10.10 23.54 -28.24
C GLN D 3 9.53 22.36 -29.00
N LEU D 4 8.71 22.66 -30.00
CA LEU D 4 8.17 21.68 -30.92
C LEU D 4 8.44 22.17 -32.33
N VAL D 5 9.21 21.42 -33.11
CA VAL D 5 9.61 21.83 -34.44
C VAL D 5 9.03 20.86 -35.45
N GLU D 6 8.23 21.38 -36.38
CA GLU D 6 7.63 20.56 -37.42
C GLU D 6 8.55 20.50 -38.64
N SER D 7 8.41 19.42 -39.39
CA SER D 7 9.23 19.17 -40.56
C SER D 7 8.46 18.28 -41.52
N GLY D 8 8.88 18.27 -42.77
CA GLY D 8 8.11 17.65 -43.83
C GLY D 8 7.45 18.72 -44.69
N GLY D 9 6.26 18.39 -45.17
CA GLY D 9 5.48 19.37 -45.91
C GLY D 9 5.98 19.57 -47.33
N GLY D 10 5.43 20.59 -47.95
CA GLY D 10 5.77 20.93 -49.32
C GLY D 10 4.60 20.69 -50.26
N LEU D 11 4.93 20.63 -51.55
CA LEU D 11 3.94 20.47 -52.61
C LEU D 11 3.87 19.00 -53.01
N VAL D 12 2.65 18.47 -53.07
CA VAL D 12 2.42 17.07 -53.44
C VAL D 12 1.28 17.00 -54.44
N GLN D 13 1.26 15.91 -55.22
CA GLN D 13 0.19 15.60 -56.14
C GLN D 13 -0.91 14.82 -55.42
N PRO D 14 -2.17 15.00 -55.82
CA PRO D 14 -3.25 14.27 -55.17
C PRO D 14 -3.11 12.77 -55.37
N GLY D 15 -3.51 12.02 -54.35
CA GLY D 15 -3.34 10.58 -54.33
C GLY D 15 -2.01 10.12 -53.80
N GLY D 16 -1.09 11.03 -53.52
CA GLY D 16 0.20 10.69 -52.97
C GLY D 16 0.16 10.54 -51.46
N SER D 17 1.34 10.55 -50.86
CA SER D 17 1.46 10.40 -49.42
C SER D 17 2.67 11.21 -48.95
N ARG D 18 2.64 11.57 -47.66
CA ARG D 18 3.77 12.27 -47.06
C ARG D 18 3.71 12.10 -45.55
N LYS D 19 4.88 12.08 -44.93
CA LYS D 19 4.99 11.97 -43.49
C LYS D 19 5.46 13.30 -42.91
N LEU D 20 4.65 13.87 -42.02
CA LEU D 20 5.03 15.03 -41.24
C LEU D 20 5.64 14.59 -39.91
N SER D 21 6.64 15.32 -39.46
CA SER D 21 7.32 14.97 -38.22
C SER D 21 7.38 16.18 -37.31
N CYS D 22 7.38 15.91 -36.00
CA CYS D 22 7.54 16.94 -35.00
C CYS D 22 8.57 16.47 -33.97
N SER D 23 9.63 17.27 -33.81
CA SER D 23 10.67 17.00 -32.84
C SER D 23 10.39 17.82 -31.58
N ALA D 24 10.40 17.15 -30.44
CA ALA D 24 10.12 17.78 -29.15
C ALA D 24 11.41 17.96 -28.37
N SER D 25 11.52 19.08 -27.66
CA SER D 25 12.69 19.36 -26.85
C SER D 25 12.27 20.18 -25.64
N GLY D 26 13.02 20.05 -24.56
CA GLY D 26 12.82 20.88 -23.39
C GLY D 26 11.74 20.44 -22.44
N PHE D 27 11.09 19.31 -22.69
CA PHE D 27 10.06 18.83 -21.78
C PHE D 27 9.97 17.31 -21.88
N ALA D 28 9.34 16.71 -20.87
CA ALA D 28 9.17 15.26 -20.79
C ALA D 28 8.09 14.82 -21.78
N PHE D 29 8.55 14.52 -22.99
CA PHE D 29 7.64 14.23 -24.10
C PHE D 29 6.79 12.98 -23.83
N SER D 30 7.34 12.02 -23.10
CA SER D 30 6.64 10.76 -22.90
C SER D 30 5.40 10.91 -22.01
N SER D 31 5.33 11.98 -21.22
CA SER D 31 4.21 12.17 -20.30
C SER D 31 3.09 13.02 -20.89
N PHE D 32 3.21 13.45 -22.15
CA PHE D 32 2.24 14.33 -22.77
C PHE D 32 1.49 13.64 -23.89
N GLY D 33 0.18 13.85 -23.95
CA GLY D 33 -0.55 13.53 -25.15
C GLY D 33 -0.32 14.58 -26.22
N MET D 34 -0.47 14.18 -27.47
CA MET D 34 -0.11 15.04 -28.59
C MET D 34 -1.27 15.16 -29.55
N HIS D 35 -1.42 16.35 -30.12
CA HIS D 35 -2.46 16.66 -31.09
C HIS D 35 -1.84 17.21 -32.36
N TRP D 36 -2.43 16.82 -33.49
CA TRP D 36 -2.21 17.49 -34.76
C TRP D 36 -3.45 18.31 -35.08
N VAL D 37 -3.24 19.61 -35.31
CA VAL D 37 -4.30 20.56 -35.61
C VAL D 37 -3.91 21.36 -36.85
N ARG D 38 -4.80 21.40 -37.84
CA ARG D 38 -4.46 22.05 -39.10
C ARG D 38 -5.34 23.27 -39.32
N GLN D 39 -4.77 24.25 -40.03
CA GLN D 39 -5.45 25.48 -40.37
C GLN D 39 -5.35 25.70 -41.87
N ALA D 40 -6.50 25.91 -42.51
CA ALA D 40 -6.51 26.17 -43.94
C ALA D 40 -5.85 27.52 -44.22
N PRO D 41 -5.41 27.77 -45.46
CA PRO D 41 -4.63 28.99 -45.73
C PRO D 41 -5.29 30.29 -45.31
N GLU D 42 -6.60 30.41 -45.46
CA GLU D 42 -7.32 31.62 -45.06
C GLU D 42 -8.53 31.31 -44.18
N LYS D 43 -8.54 30.17 -43.51
CA LYS D 43 -9.65 29.75 -42.66
C LYS D 43 -9.16 29.49 -41.26
N GLY D 44 -10.06 28.96 -40.42
CA GLY D 44 -9.78 28.75 -39.02
C GLY D 44 -9.07 27.44 -38.74
N LEU D 45 -8.97 27.13 -37.45
CA LEU D 45 -8.28 25.94 -37.00
C LEU D 45 -9.21 24.73 -37.05
N GLU D 46 -8.64 23.58 -37.42
CA GLU D 46 -9.37 22.32 -37.46
C GLU D 46 -8.55 21.24 -36.80
N TRP D 47 -9.17 20.51 -35.88
CA TRP D 47 -8.48 19.43 -35.18
C TRP D 47 -8.37 18.21 -36.09
N VAL D 48 -7.19 17.59 -36.12
CA VAL D 48 -6.90 16.49 -37.02
C VAL D 48 -6.76 15.16 -36.28
N ALA D 49 -5.84 15.09 -35.32
CA ALA D 49 -5.61 13.79 -34.68
C ALA D 49 -5.10 13.98 -33.26
N TYR D 50 -5.20 12.92 -32.47
CA TYR D 50 -4.73 12.89 -31.09
C TYR D 50 -4.17 11.52 -30.76
N ILE D 51 -3.03 11.50 -30.07
CA ILE D 51 -2.46 10.26 -29.54
C ILE D 51 -2.15 10.49 -28.07
N SER D 52 -2.55 9.53 -27.23
CA SER D 52 -2.39 9.69 -25.79
C SER D 52 -0.97 9.34 -25.36
N SER D 53 -0.67 9.67 -24.10
CA SER D 53 0.60 9.26 -23.52
C SER D 53 0.66 7.75 -23.40
N GLY D 54 1.73 7.16 -23.94
CA GLY D 54 1.84 5.73 -24.03
C GLY D 54 1.14 5.10 -25.22
N SER D 55 0.59 5.92 -26.13
CA SER D 55 -0.07 5.45 -27.34
C SER D 55 -1.29 4.57 -27.03
N GLY D 56 -1.87 4.75 -25.85
CA GLY D 56 -3.03 3.95 -25.50
C GLY D 56 -4.28 4.32 -26.28
N THR D 57 -4.54 5.61 -26.42
CA THR D 57 -5.75 6.10 -27.07
C THR D 57 -5.37 6.94 -28.28
N ILE D 58 -6.02 6.65 -29.41
CA ILE D 58 -5.78 7.38 -30.66
C ILE D 58 -7.13 7.80 -31.23
N TYR D 59 -7.28 9.09 -31.52
CA TYR D 59 -8.50 9.64 -32.07
C TYR D 59 -8.19 10.37 -33.38
N TYR D 60 -9.08 10.22 -34.35
CA TYR D 60 -8.95 10.89 -35.63
C TYR D 60 -10.24 11.66 -35.93
N ALA D 61 -10.08 12.77 -36.63
CA ALA D 61 -11.24 13.50 -37.13
C ALA D 61 -11.89 12.72 -38.26
N ASP D 62 -13.19 12.95 -38.45
CA ASP D 62 -13.93 12.19 -39.45
C ASP D 62 -13.45 12.52 -40.87
N THR D 63 -13.00 13.76 -41.09
CA THR D 63 -12.57 14.14 -42.43
C THR D 63 -11.24 13.50 -42.83
N VAL D 64 -10.49 12.96 -41.86
CA VAL D 64 -9.19 12.35 -42.13
C VAL D 64 -9.11 10.92 -41.65
N LYS D 65 -10.20 10.35 -41.15
CA LYS D 65 -10.18 9.00 -40.64
C LYS D 65 -10.01 8.00 -41.77
N GLY D 66 -9.09 7.05 -41.59
CA GLY D 66 -8.81 6.06 -42.60
C GLY D 66 -7.67 6.40 -43.53
N ARG D 67 -7.28 7.67 -43.62
CA ARG D 67 -6.17 8.10 -44.45
C ARG D 67 -4.97 8.58 -43.67
N PHE D 68 -5.17 9.15 -42.49
CA PHE D 68 -4.08 9.66 -41.67
C PHE D 68 -3.76 8.66 -40.56
N THR D 69 -2.48 8.51 -40.26
CA THR D 69 -2.01 7.66 -39.17
C THR D 69 -1.09 8.48 -38.27
N ILE D 70 -1.41 8.52 -36.98
CA ILE D 70 -0.62 9.28 -36.01
C ILE D 70 0.15 8.29 -35.15
N SER D 71 1.44 8.57 -34.93
CA SER D 71 2.29 7.70 -34.16
C SER D 71 3.30 8.55 -33.39
N ARG D 72 3.97 7.92 -32.43
CA ARG D 72 4.99 8.61 -31.66
C ARG D 72 6.13 7.67 -31.35
N ASP D 73 7.35 8.22 -31.34
CA ASP D 73 8.55 7.53 -30.91
C ASP D 73 9.06 8.29 -29.70
N ASP D 74 8.70 7.81 -28.51
CA ASP D 74 9.08 8.45 -27.25
C ASP D 74 10.59 8.49 -27.05
N PRO D 75 11.33 7.39 -27.29
CA PRO D 75 12.79 7.47 -27.16
C PRO D 75 13.43 8.52 -28.05
N LYS D 76 12.92 8.74 -29.25
CA LYS D 76 13.42 9.79 -30.13
C LYS D 76 12.67 11.11 -29.94
N ASN D 77 11.68 11.14 -29.05
CA ASN D 77 10.89 12.34 -28.77
C ASN D 77 10.29 12.92 -30.06
N THR D 78 9.73 12.05 -30.90
CA THR D 78 9.24 12.47 -32.19
C THR D 78 7.78 12.07 -32.35
N LEU D 79 7.02 12.89 -33.06
CA LEU D 79 5.64 12.58 -33.40
C LEU D 79 5.47 12.57 -34.90
N PHE D 80 4.78 11.56 -35.42
CA PHE D 80 4.66 11.35 -36.86
C PHE D 80 3.21 11.37 -37.28
N LEU D 81 2.96 11.97 -38.45
CA LEU D 81 1.65 11.94 -39.09
C LEU D 81 1.85 11.49 -40.53
N GLN D 82 1.46 10.25 -40.83
CA GLN D 82 1.56 9.68 -42.16
C GLN D 82 0.24 9.91 -42.88
N MET D 83 0.27 10.67 -43.96
CA MET D 83 -0.93 11.03 -44.71
C MET D 83 -0.89 10.35 -46.07
N THR D 84 -1.89 9.53 -46.35
CA THR D 84 -2.02 8.87 -47.64
C THR D 84 -3.34 9.27 -48.28
N SER D 85 -3.40 9.18 -49.60
CA SER D 85 -4.54 9.63 -50.39
C SER D 85 -4.81 11.10 -50.14
N LEU D 86 -3.80 11.93 -50.42
CA LEU D 86 -3.91 13.36 -50.17
C LEU D 86 -4.90 14.01 -51.12
N ARG D 87 -5.65 14.98 -50.59
CA ARG D 87 -6.68 15.70 -51.34
C ARG D 87 -6.37 17.19 -51.34
N SER D 88 -7.10 17.92 -52.18
CA SER D 88 -6.91 19.36 -52.27
C SER D 88 -7.30 20.05 -50.96
N GLU D 89 -8.23 19.45 -50.21
CA GLU D 89 -8.68 20.04 -48.96
C GLU D 89 -7.70 19.82 -47.81
N ASP D 90 -6.63 19.04 -48.03
CA ASP D 90 -5.60 18.84 -47.02
C ASP D 90 -4.50 19.90 -47.10
N THR D 91 -4.62 20.86 -48.01
CA THR D 91 -3.68 21.97 -48.07
C THR D 91 -3.86 22.85 -46.84
N ALA D 92 -2.89 22.85 -45.94
CA ALA D 92 -3.05 23.56 -44.67
C ALA D 92 -1.70 23.66 -43.98
N MET D 93 -1.68 24.48 -42.93
CA MET D 93 -0.56 24.53 -42.00
C MET D 93 -0.87 23.63 -40.81
N TYR D 94 0.03 22.70 -40.54
CA TYR D 94 -0.16 21.70 -39.49
C TYR D 94 0.63 22.07 -38.26
N TYR D 95 0.00 22.00 -37.09
CA TYR D 95 0.60 22.32 -35.81
C TYR D 95 0.55 21.10 -34.91
N CYS D 96 1.60 20.95 -34.11
CA CYS D 96 1.66 19.92 -33.08
C CYS D 96 1.48 20.58 -31.72
N VAL D 97 0.58 20.04 -30.92
CA VAL D 97 0.19 20.63 -29.64
C VAL D 97 0.40 19.60 -28.54
N ARG D 98 1.09 20.00 -27.47
CA ARG D 98 1.23 19.14 -26.32
C ARG D 98 0.07 19.37 -25.36
N SER D 99 -0.32 18.31 -24.67
CA SER D 99 -1.52 18.35 -23.84
C SER D 99 -1.42 17.27 -22.78
N ILE D 100 -1.33 17.68 -21.52
CA ILE D 100 -1.23 16.77 -20.39
C ILE D 100 -2.51 16.87 -19.58
N TYR D 101 -2.98 15.74 -19.07
CA TYR D 101 -4.29 15.65 -18.45
C TYR D 101 -4.18 15.09 -17.04
N TYR D 102 -4.48 15.94 -16.06
CA TYR D 102 -4.67 15.52 -14.68
C TYR D 102 -5.44 16.64 -14.00
N TYR D 103 -5.81 16.41 -12.74
CA TYR D 103 -6.61 17.40 -12.03
C TYR D 103 -5.86 18.72 -11.93
N GLY D 104 -6.38 19.75 -12.59
CA GLY D 104 -5.78 21.06 -12.57
C GLY D 104 -4.76 21.32 -13.66
N SER D 105 -4.67 20.45 -14.66
CA SER D 105 -3.72 20.64 -15.73
C SER D 105 -4.18 21.76 -16.67
N SER D 106 -3.31 22.11 -17.60
CA SER D 106 -3.56 23.16 -18.58
C SER D 106 -3.31 22.59 -19.97
N PRO D 107 -4.22 21.80 -20.50
CA PRO D 107 -4.01 21.21 -21.83
C PRO D 107 -4.00 22.27 -22.92
N PHE D 108 -3.35 21.90 -24.04
CA PHE D 108 -3.16 22.78 -25.18
C PHE D 108 -2.33 24.01 -24.83
N ASP D 109 -1.38 23.85 -23.91
CA ASP D 109 -0.61 24.99 -23.43
C ASP D 109 0.45 25.46 -24.41
N PHE D 110 1.08 24.54 -25.14
CA PHE D 110 2.16 24.90 -26.05
C PHE D 110 1.84 24.42 -27.45
N TRP D 111 2.05 25.28 -28.44
CA TRP D 111 1.91 24.96 -29.85
C TRP D 111 3.24 25.17 -30.55
N GLY D 112 3.51 24.35 -31.56
CA GLY D 112 4.68 24.53 -32.38
C GLY D 112 4.37 25.26 -33.67
N GLN D 113 5.40 25.86 -34.24
CA GLN D 113 5.27 26.55 -35.52
C GLN D 113 5.12 25.53 -36.64
N GLY D 114 3.92 25.50 -37.22
CA GLY D 114 3.51 24.41 -38.07
C GLY D 114 4.27 24.36 -39.40
N THR D 115 3.93 23.33 -40.17
CA THR D 115 4.52 23.11 -41.48
C THR D 115 3.42 23.16 -42.54
N THR D 116 3.77 23.69 -43.72
CA THR D 116 2.82 23.93 -44.79
C THR D 116 2.78 22.73 -45.72
N LEU D 117 1.56 22.28 -46.04
CA LEU D 117 1.34 21.20 -46.98
C LEU D 117 0.39 21.69 -48.06
N THR D 118 0.82 21.64 -49.32
CA THR D 118 0.04 22.09 -50.46
C THR D 118 -0.20 20.91 -51.39
N VAL D 119 -1.44 20.75 -51.83
CA VAL D 119 -1.84 19.69 -52.75
C VAL D 119 -2.44 20.32 -53.98
N SER D 120 -1.99 19.90 -55.16
CA SER D 120 -2.45 20.46 -56.42
C SER D 120 -3.78 19.85 -56.84
N SER D 136 -23.68 15.42 -35.17
CA SER D 136 -23.34 14.92 -33.84
C SER D 136 -22.28 15.81 -33.20
N ASP D 137 -21.43 16.41 -34.02
CA ASP D 137 -20.37 17.28 -33.52
C ASP D 137 -20.95 18.55 -32.92
N ILE D 138 -20.29 19.05 -31.88
CA ILE D 138 -20.68 20.30 -31.25
C ILE D 138 -20.18 21.44 -32.11
N VAL D 139 -21.08 22.35 -32.47
CA VAL D 139 -20.74 23.48 -33.34
C VAL D 139 -20.47 24.69 -32.46
N MET D 140 -19.30 25.28 -32.63
CA MET D 140 -18.91 26.48 -31.90
C MET D 140 -19.12 27.69 -32.80
N THR D 141 -19.89 28.66 -32.32
CA THR D 141 -20.27 29.82 -33.11
C THR D 141 -19.65 31.07 -32.50
N GLN D 142 -18.88 31.79 -33.31
CA GLN D 142 -18.36 33.09 -32.92
C GLN D 142 -19.18 34.19 -33.58
N ALA D 143 -19.69 35.11 -32.76
CA ALA D 143 -20.71 36.04 -33.22
C ALA D 143 -20.22 36.91 -34.37
N THR D 144 -18.99 37.41 -34.27
CA THR D 144 -18.50 38.35 -35.27
C THR D 144 -17.15 37.89 -35.79
N SER D 145 -16.91 38.14 -37.07
CA SER D 145 -15.62 37.83 -37.67
C SER D 145 -14.60 38.94 -37.47
N SER D 146 -15.04 40.15 -37.16
CA SER D 146 -14.12 41.27 -36.97
C SER D 146 -14.75 42.29 -36.04
N VAL D 147 -13.91 42.93 -35.23
CA VAL D 147 -14.34 44.01 -34.35
C VAL D 147 -13.17 44.95 -34.12
N PRO D 148 -13.28 46.21 -34.53
CA PRO D 148 -12.15 47.14 -34.39
C PRO D 148 -12.02 47.67 -32.97
N VAL D 149 -10.77 47.88 -32.55
CA VAL D 149 -10.47 48.36 -31.21
C VAL D 149 -9.79 49.71 -31.26
N PRO D 151 -6.85 50.54 -28.19
CA PRO D 151 -5.72 50.74 -27.26
C PRO D 151 -6.15 51.41 -25.97
N GLY D 152 -6.41 50.61 -24.94
CA GLY D 152 -6.90 51.12 -23.67
C GLY D 152 -8.38 50.91 -23.42
N GLU D 153 -9.07 50.18 -24.29
CA GLU D 153 -10.50 49.95 -24.12
C GLU D 153 -10.78 48.46 -23.91
N SER D 154 -11.91 48.18 -23.27
CA SER D 154 -12.32 46.81 -23.00
C SER D 154 -12.99 46.21 -24.22
N VAL D 155 -12.64 44.96 -24.52
CA VAL D 155 -13.18 44.24 -25.66
C VAL D 155 -13.78 42.93 -25.18
N SER D 156 -15.01 42.66 -25.58
CA SER D 156 -15.72 41.45 -25.20
C SER D 156 -15.92 40.58 -26.43
N ILE D 157 -15.41 39.36 -26.39
CA ILE D 157 -15.53 38.41 -27.47
C ILE D 157 -16.45 37.28 -27.02
N SER D 158 -17.55 37.10 -27.73
CA SER D 158 -18.57 36.14 -27.35
C SER D 158 -18.46 34.87 -28.19
N CYS D 159 -18.90 33.76 -27.61
CA CYS D 159 -18.89 32.47 -28.27
C CYS D 159 -20.05 31.63 -27.73
N ARG D 160 -20.58 30.76 -28.57
CA ARG D 160 -21.71 29.92 -28.23
C ARG D 160 -21.46 28.50 -28.69
N SER D 161 -22.15 27.56 -28.05
CA SER D 161 -22.05 26.15 -28.41
C SER D 161 -23.44 25.57 -28.61
N SER D 162 -23.52 24.56 -29.48
CA SER D 162 -24.78 23.86 -29.71
C SER D 162 -25.17 22.97 -28.54
N LYS D 163 -24.24 22.64 -27.66
CA LYS D 163 -24.51 21.77 -26.53
C LYS D 163 -23.87 22.39 -25.29
N SER D 164 -24.50 22.17 -24.14
CA SER D 164 -23.97 22.71 -22.90
C SER D 164 -22.62 22.07 -22.57
N LEU D 165 -21.63 22.92 -22.30
CA LEU D 165 -20.28 22.46 -22.01
C LEU D 165 -20.05 22.22 -20.52
N LEU D 166 -21.03 22.53 -19.68
CA LEU D 166 -20.91 22.31 -18.25
C LEU D 166 -21.17 20.84 -17.93
N HIS D 167 -20.12 20.13 -17.54
CA HIS D 167 -20.21 18.73 -17.20
C HIS D 167 -20.77 18.57 -15.79
N SER D 168 -21.20 17.36 -15.46
CA SER D 168 -21.77 17.09 -14.14
C SER D 168 -20.72 17.16 -13.04
N ASN D 169 -19.44 17.18 -13.37
CA ASN D 169 -18.38 17.31 -12.38
C ASN D 169 -18.02 18.75 -12.07
N GLY D 170 -18.74 19.71 -12.64
CA GLY D 170 -18.53 21.12 -12.35
C GLY D 170 -17.65 21.85 -13.33
N ASN D 171 -17.07 21.16 -14.31
CA ASN D 171 -16.17 21.79 -15.25
C ASN D 171 -16.91 22.24 -16.51
N THR D 172 -16.56 23.42 -16.99
CA THR D 172 -17.05 23.91 -18.28
C THR D 172 -15.88 23.91 -19.25
N TYR D 173 -15.84 22.91 -20.13
CA TYR D 173 -14.69 22.66 -20.98
C TYR D 173 -14.72 23.56 -22.20
N LEU D 174 -14.30 24.81 -21.98
CA LEU D 174 -14.16 25.79 -23.04
C LEU D 174 -12.79 26.43 -22.93
N TYR D 175 -12.13 26.61 -24.08
CA TYR D 175 -10.78 27.12 -24.15
C TYR D 175 -10.72 28.31 -25.09
N TRP D 176 -9.91 29.30 -24.73
CA TRP D 176 -9.68 30.49 -25.53
C TRP D 176 -8.22 30.57 -25.93
N PHE D 177 -7.99 30.65 -27.24
CA PHE D 177 -6.67 30.77 -27.84
C PHE D 177 -6.59 32.07 -28.62
N LEU D 178 -5.37 32.59 -28.74
CA LEU D 178 -5.08 33.77 -29.54
C LEU D 178 -4.00 33.45 -30.55
N GLN D 179 -4.25 33.75 -31.82
CA GLN D 179 -3.27 33.58 -32.88
C GLN D 179 -2.93 34.97 -33.43
N ARG D 180 -1.72 35.41 -33.17
CA ARG D 180 -1.22 36.67 -33.70
C ARG D 180 -0.74 36.47 -35.13
N PRO D 181 -0.66 37.56 -35.91
CA PRO D 181 -0.20 37.42 -37.30
C PRO D 181 1.19 36.82 -37.37
N GLY D 182 1.33 35.79 -38.21
CA GLY D 182 2.60 35.12 -38.41
C GLY D 182 3.03 34.20 -37.30
N GLN D 183 2.16 33.90 -36.34
CA GLN D 183 2.52 33.11 -35.18
C GLN D 183 1.53 31.96 -34.98
N SER D 184 2.00 30.92 -34.29
CA SER D 184 1.12 29.84 -33.88
C SER D 184 0.25 30.29 -32.72
N PRO D 185 -0.98 29.79 -32.64
CA PRO D 185 -1.88 30.21 -31.56
C PRO D 185 -1.37 29.76 -30.20
N GLN D 186 -1.68 30.58 -29.19
CA GLN D 186 -1.27 30.32 -27.82
C GLN D 186 -2.49 30.31 -26.91
N LEU D 187 -2.40 29.52 -25.86
CA LEU D 187 -3.53 29.35 -24.94
C LEU D 187 -3.67 30.59 -24.07
N LEU D 188 -4.90 31.11 -23.99
CA LEU D 188 -5.24 32.20 -23.10
C LEU D 188 -6.01 31.73 -21.88
N ILE D 189 -7.07 30.95 -22.07
CA ILE D 189 -7.94 30.55 -20.97
C ILE D 189 -8.32 29.08 -21.14
N TYR D 190 -8.30 28.32 -20.05
CA TYR D 190 -8.74 26.95 -20.06
C TYR D 190 -9.84 26.73 -19.04
N ARG D 191 -10.83 25.94 -19.43
CA ARG D 191 -12.01 25.64 -18.62
C ARG D 191 -12.78 26.90 -18.23
N MET D 192 -12.80 27.86 -19.16
CA MET D 192 -13.74 28.98 -19.18
C MET D 192 -13.44 30.08 -18.16
N SER D 193 -12.52 29.84 -17.24
CA SER D 193 -12.21 30.83 -16.23
C SER D 193 -10.74 30.89 -15.85
N ASN D 194 -9.95 29.88 -16.18
CA ASN D 194 -8.60 29.75 -15.66
C ASN D 194 -7.61 30.40 -16.61
N LEU D 195 -6.79 31.29 -16.08
CA LEU D 195 -5.81 32.00 -16.88
C LEU D 195 -4.56 31.16 -17.07
N ALA D 196 -4.11 31.03 -18.32
CA ALA D 196 -2.94 30.23 -18.62
C ALA D 196 -1.67 30.90 -18.10
N SER D 197 -0.66 30.08 -17.84
CA SER D 197 0.61 30.60 -17.33
C SER D 197 1.26 31.52 -18.35
N GLY D 198 1.74 32.67 -17.87
CA GLY D 198 2.38 33.66 -18.72
C GLY D 198 1.43 34.64 -19.37
N VAL D 199 0.13 34.48 -19.18
CA VAL D 199 -0.88 35.36 -19.77
C VAL D 199 -1.13 36.50 -18.81
N PRO D 200 -1.12 37.75 -19.26
CA PRO D 200 -1.41 38.88 -18.35
C PRO D 200 -2.81 38.78 -17.77
N ASP D 201 -2.94 39.31 -16.57
CA ASP D 201 -4.16 39.18 -15.77
C ASP D 201 -5.32 40.00 -16.33
N ARG D 202 -5.09 40.80 -17.37
CA ARG D 202 -6.16 41.60 -17.94
C ARG D 202 -7.16 40.76 -18.72
N PHE D 203 -6.80 39.53 -19.09
CA PHE D 203 -7.74 38.62 -19.74
C PHE D 203 -8.61 37.93 -18.69
N SER D 204 -9.90 37.84 -18.98
CA SER D 204 -10.83 37.17 -18.08
C SER D 204 -11.82 36.39 -18.91
N GLY D 205 -12.35 35.30 -18.33
CA GLY D 205 -13.31 34.47 -19.00
C GLY D 205 -14.52 34.22 -18.10
N SER D 206 -15.70 34.24 -18.70
CA SER D 206 -16.91 34.09 -17.93
C SER D 206 -17.98 33.44 -18.82
N GLY D 207 -19.04 32.97 -18.18
CA GLY D 207 -20.16 32.47 -18.94
C GLY D 207 -20.85 31.26 -18.33
N SER D 208 -21.94 30.84 -18.97
CA SER D 208 -22.66 29.63 -18.61
C SER D 208 -22.68 28.72 -19.82
N GLY D 209 -23.32 27.58 -19.68
CA GLY D 209 -23.40 26.65 -20.79
C GLY D 209 -24.00 27.31 -22.03
N THR D 210 -23.29 27.15 -23.15
CA THR D 210 -23.69 27.70 -24.44
C THR D 210 -23.71 29.23 -24.46
N ALA D 211 -22.94 29.86 -23.59
CA ALA D 211 -22.78 31.31 -23.62
C ALA D 211 -21.48 31.67 -22.92
N PHE D 212 -20.48 32.12 -23.68
CA PHE D 212 -19.16 32.37 -23.10
C PHE D 212 -18.62 33.70 -23.60
N THR D 213 -17.83 34.35 -22.74
CA THR D 213 -17.30 35.68 -23.01
C THR D 213 -15.87 35.78 -22.53
N LEU D 214 -15.00 36.26 -23.40
CA LEU D 214 -13.63 36.62 -23.06
C LEU D 214 -13.53 38.13 -23.02
N THR D 215 -13.19 38.68 -21.86
CA THR D 215 -13.09 40.11 -21.64
C THR D 215 -11.62 40.50 -21.58
N ILE D 216 -11.26 41.52 -22.36
CA ILE D 216 -9.93 42.09 -22.35
C ILE D 216 -10.05 43.51 -21.85
N SER D 217 -9.60 43.74 -20.62
CA SER D 217 -9.60 45.07 -20.01
C SER D 217 -8.26 45.74 -20.25
N ARG D 218 -8.32 47.02 -20.62
CA ARG D 218 -7.13 47.81 -20.93
C ARG D 218 -6.33 47.15 -22.06
N LEU D 219 -6.95 47.08 -23.23
CA LEU D 219 -6.31 46.44 -24.37
C LEU D 219 -5.04 47.20 -24.76
N GLU D 220 -4.00 46.43 -25.05
CA GLU D 220 -2.71 46.96 -25.47
C GLU D 220 -2.37 46.43 -26.85
N ALA D 221 -1.25 46.90 -27.39
CA ALA D 221 -0.70 46.30 -28.59
C ALA D 221 -0.16 44.91 -28.27
N GLU D 222 0.21 44.18 -29.33
CA GLU D 222 0.60 42.78 -29.23
C GLU D 222 -0.54 41.92 -28.69
N ASP D 223 -1.76 42.49 -28.73
CA ASP D 223 -2.97 41.77 -28.39
C ASP D 223 -3.91 41.73 -29.58
N VAL D 224 -3.39 41.92 -30.79
CA VAL D 224 -4.18 41.97 -32.01
C VAL D 224 -4.00 40.65 -32.73
N GLY D 225 -5.11 40.00 -33.06
CA GLY D 225 -5.05 38.73 -33.75
C GLY D 225 -6.42 38.11 -33.85
N VAL D 226 -6.45 36.80 -34.02
CA VAL D 226 -7.68 36.04 -34.16
C VAL D 226 -7.88 35.22 -32.89
N TYR D 227 -9.06 35.32 -32.30
CA TYR D 227 -9.38 34.62 -31.06
C TYR D 227 -10.28 33.43 -31.35
N TYR D 228 -9.91 32.28 -30.83
CA TYR D 228 -10.64 31.04 -31.09
C TYR D 228 -11.16 30.44 -29.80
N CYS D 229 -12.41 29.99 -29.83
CA CYS D 229 -13.01 29.24 -28.74
C CYS D 229 -13.14 27.77 -29.16
N MET D 230 -12.63 26.89 -28.30
CA MET D 230 -12.61 25.47 -28.56
C MET D 230 -13.34 24.74 -27.44
N GLN D 231 -13.99 23.64 -27.77
CA GLN D 231 -14.63 22.78 -26.79
C GLN D 231 -13.79 21.51 -26.62
N HIS D 232 -13.64 21.08 -25.37
CA HIS D 232 -12.92 19.85 -25.06
C HIS D 232 -13.83 18.92 -24.26
N LEU D 233 -15.14 19.11 -24.41
CA LEU D 233 -16.11 18.27 -23.75
C LEU D 233 -16.18 16.87 -24.34
N GLU D 234 -16.16 16.77 -25.67
CA GLU D 234 -16.22 15.49 -26.35
C GLU D 234 -15.44 15.59 -27.66
N TYR D 235 -15.00 14.46 -28.15
CA TYR D 235 -14.36 14.41 -29.46
C TYR D 235 -15.41 14.25 -30.56
N PRO D 236 -15.16 14.80 -31.76
CA PRO D 236 -14.01 15.60 -32.19
C PRO D 236 -13.98 16.99 -31.56
N LEU D 237 -12.79 17.52 -31.31
CA LEU D 237 -12.68 18.87 -30.77
C LEU D 237 -12.94 19.88 -31.88
N THR D 238 -13.82 20.84 -31.61
CA THR D 238 -14.25 21.79 -32.62
C THR D 238 -13.93 23.21 -32.19
N PHE D 239 -13.45 23.99 -33.15
CA PHE D 239 -13.09 25.38 -32.94
C PHE D 239 -14.19 26.28 -33.49
N GLY D 240 -14.14 27.55 -33.11
CA GLY D 240 -14.99 28.55 -33.71
C GLY D 240 -14.37 29.11 -34.98
N ALA D 241 -15.14 29.98 -35.64
CA ALA D 241 -14.64 30.61 -36.86
C ALA D 241 -13.45 31.51 -36.58
N GLY D 242 -13.46 32.23 -35.48
CA GLY D 242 -12.37 33.12 -35.12
C GLY D 242 -12.74 34.58 -35.23
N THR D 243 -12.60 35.31 -34.13
CA THR D 243 -12.91 36.73 -34.08
C THR D 243 -11.61 37.52 -34.19
N LYS D 244 -11.57 38.45 -35.14
CA LYS D 244 -10.36 39.19 -35.44
C LYS D 244 -10.46 40.61 -34.86
N LEU D 245 -9.47 40.99 -34.08
CA LEU D 245 -9.33 42.37 -33.61
C LEU D 245 -8.45 43.14 -34.57
N GLU D 246 -8.76 44.42 -34.74
CA GLU D 246 -8.01 45.28 -35.64
C GLU D 246 -7.95 46.68 -35.07
N LEU D 247 -6.85 47.37 -35.36
CA LEU D 247 -6.66 48.75 -34.90
C LEU D 247 -6.99 49.75 -36.00
N ASN E 37 -37.58 -55.11 -13.83
CA ASN E 37 -36.40 -54.44 -13.31
C ASN E 37 -35.55 -55.39 -12.45
N SER E 38 -35.76 -56.69 -12.64
CA SER E 38 -35.00 -57.68 -11.88
C SER E 38 -33.55 -57.78 -12.36
N ASP E 39 -33.24 -57.28 -13.54
CA ASP E 39 -31.86 -57.23 -14.02
C ASP E 39 -31.13 -55.97 -13.58
N LEU E 40 -31.83 -55.00 -13.00
CA LEU E 40 -31.23 -53.81 -12.44
C LEU E 40 -31.46 -53.70 -10.95
N ASP E 41 -31.39 -54.81 -10.23
CA ASP E 41 -31.60 -54.82 -8.78
C ASP E 41 -30.27 -55.15 -8.11
N VAL E 42 -29.68 -54.14 -7.47
CA VAL E 42 -28.43 -54.33 -6.75
C VAL E 42 -28.71 -54.84 -5.36
N ASN E 43 -28.08 -55.96 -5.00
CA ASN E 43 -28.31 -56.61 -3.71
C ASN E 43 -27.33 -56.07 -2.69
N THR E 44 -27.81 -55.21 -1.81
CA THR E 44 -27.01 -54.67 -0.71
C THR E 44 -27.76 -54.92 0.59
N ASP E 45 -27.13 -55.66 1.51
CA ASP E 45 -27.78 -56.04 2.75
C ASP E 45 -27.91 -54.83 3.67
N ILE E 46 -28.94 -54.87 4.52
CA ILE E 46 -29.20 -53.82 5.48
C ILE E 46 -28.18 -53.95 6.60
N TYR E 47 -28.13 -52.94 7.49
CA TYR E 47 -27.11 -52.78 8.54
C TYR E 47 -25.81 -52.29 7.93
N SER E 48 -25.74 -52.23 6.60
CA SER E 48 -24.61 -51.61 5.94
C SER E 48 -24.97 -50.24 5.39
N LYS E 49 -26.18 -50.11 4.87
CA LYS E 49 -26.65 -48.80 4.40
C LYS E 49 -26.74 -47.81 5.56
N VAL E 50 -27.24 -48.26 6.71
CA VAL E 50 -27.32 -47.40 7.88
C VAL E 50 -25.92 -46.95 8.31
N LEU E 51 -24.98 -47.89 8.37
CA LEU E 51 -23.63 -47.57 8.81
C LEU E 51 -22.95 -46.61 7.85
N VAL E 52 -23.09 -46.85 6.54
CA VAL E 52 -22.45 -45.96 5.58
C VAL E 52 -23.12 -44.58 5.59
N THR E 53 -24.43 -44.51 5.82
CA THR E 53 -25.08 -43.22 5.94
C THR E 53 -24.60 -42.47 7.18
N ALA E 54 -24.41 -43.18 8.28
CA ALA E 54 -23.88 -42.55 9.48
C ALA E 54 -22.47 -42.02 9.25
N ILE E 55 -21.63 -42.82 8.59
CA ILE E 55 -20.27 -42.36 8.29
C ILE E 55 -20.31 -41.13 7.39
N TYR E 56 -21.17 -41.14 6.38
CA TYR E 56 -21.28 -40.00 5.49
C TYR E 56 -21.75 -38.75 6.22
N LEU E 57 -22.74 -38.89 7.11
CA LEU E 57 -23.21 -37.74 7.84
C LEU E 57 -22.13 -37.17 8.75
N ALA E 58 -21.39 -38.04 9.44
CA ALA E 58 -20.30 -37.57 10.29
C ALA E 58 -19.23 -36.87 9.48
N LEU E 59 -18.79 -37.49 8.40
CA LEU E 59 -17.77 -36.86 7.54
C LEU E 59 -18.28 -35.54 6.98
N PHE E 60 -19.55 -35.50 6.59
CA PHE E 60 -20.13 -34.29 6.03
C PHE E 60 -20.08 -33.15 7.02
N VAL E 61 -20.60 -33.38 8.24
CA VAL E 61 -20.62 -32.29 9.22
C VAL E 61 -19.20 -31.87 9.61
N VAL E 62 -18.31 -32.84 9.83
CA VAL E 62 -16.96 -32.50 10.27
C VAL E 62 -16.22 -31.73 9.19
N GLY E 63 -16.28 -32.20 7.94
CA GLY E 63 -15.59 -31.52 6.86
C GLY E 63 -16.18 -30.15 6.56
N THR E 64 -17.51 -30.02 6.62
CA THR E 64 -18.12 -28.74 6.38
C THR E 64 -17.69 -27.73 7.44
N VAL E 65 -17.71 -28.13 8.71
CA VAL E 65 -17.28 -27.22 9.78
C VAL E 65 -15.82 -26.85 9.62
N GLY E 66 -14.96 -27.84 9.35
CA GLY E 66 -13.54 -27.55 9.22
C GLY E 66 -13.23 -26.64 8.05
N ASN E 67 -13.82 -26.91 6.89
CA ASN E 67 -13.58 -26.08 5.72
C ASN E 67 -14.15 -24.67 5.92
N SER E 68 -15.30 -24.56 6.57
CA SER E 68 -15.86 -23.23 6.85
C SER E 68 -14.95 -22.44 7.78
N VAL E 69 -14.41 -23.09 8.81
CA VAL E 69 -13.49 -22.41 9.72
C VAL E 69 -12.23 -21.98 8.98
N THR E 70 -11.69 -22.86 8.14
CA THR E 70 -10.48 -22.54 7.39
C THR E 70 -10.72 -21.36 6.45
N LEU E 71 -11.85 -21.38 5.73
CA LEU E 71 -12.15 -20.29 4.81
C LEU E 71 -12.38 -18.98 5.55
N PHE E 72 -13.06 -19.02 6.69
CA PHE E 72 -13.28 -17.81 7.47
C PHE E 72 -11.95 -17.24 7.97
N THR E 73 -11.05 -18.10 8.43
CA THR E 73 -9.75 -17.63 8.90
C THR E 73 -8.94 -17.04 7.75
N LEU E 74 -8.93 -17.71 6.59
CA LEU E 74 -8.12 -17.24 5.47
C LEU E 74 -8.67 -15.96 4.88
N ALA E 75 -9.99 -15.86 4.74
CA ALA E 75 -10.61 -14.67 4.16
C ALA E 75 -10.56 -13.50 5.13
N SER E 85 2.24 -14.77 1.88
CA SER E 85 1.43 -13.88 1.07
C SER E 85 0.68 -14.64 -0.01
N THR E 86 1.21 -15.82 -0.36
CA THR E 86 0.60 -16.66 -1.39
C THR E 86 0.12 -18.00 -0.88
N VAL E 87 0.51 -18.39 0.35
CA VAL E 87 0.06 -19.67 0.89
C VAL E 87 -1.44 -19.67 1.11
N HIS E 88 -1.98 -18.55 1.59
CA HIS E 88 -3.42 -18.46 1.85
C HIS E 88 -4.24 -18.70 0.59
N TYR E 89 -3.77 -18.27 -0.57
CA TYR E 89 -4.51 -18.51 -1.81
C TYR E 89 -4.70 -20.00 -2.08
N HIS E 90 -3.61 -20.76 -2.06
CA HIS E 90 -3.71 -22.20 -2.31
C HIS E 90 -4.46 -22.93 -1.22
N LEU E 91 -4.27 -22.53 0.04
CA LEU E 91 -5.03 -23.16 1.12
C LEU E 91 -6.53 -22.92 0.95
N GLY E 92 -6.91 -21.69 0.59
CA GLY E 92 -8.31 -21.41 0.35
C GLY E 92 -8.86 -22.16 -0.84
N SER E 93 -8.06 -22.27 -1.91
CA SER E 93 -8.51 -23.03 -3.07
C SER E 93 -8.75 -24.50 -2.71
N LEU E 94 -7.83 -25.10 -1.96
CA LEU E 94 -8.02 -26.49 -1.55
C LEU E 94 -9.23 -26.65 -0.65
N ALA E 95 -9.42 -25.73 0.30
CA ALA E 95 -10.58 -25.81 1.17
C ALA E 95 -11.87 -25.66 0.38
N LEU E 96 -11.89 -24.75 -0.59
CA LEU E 96 -13.07 -24.57 -1.43
C LEU E 96 -13.37 -25.81 -2.24
N SER E 97 -12.34 -26.44 -2.81
CA SER E 97 -12.57 -27.65 -3.59
C SER E 97 -13.09 -28.79 -2.72
N ASP E 98 -12.53 -28.95 -1.52
CA ASP E 98 -13.01 -29.98 -0.62
C ASP E 98 -14.43 -29.73 -0.18
N LEU E 99 -14.77 -28.49 0.16
CA LEU E 99 -16.14 -28.17 0.55
C LEU E 99 -17.10 -28.39 -0.62
N LEU E 100 -16.68 -28.03 -1.83
CA LEU E 100 -17.53 -28.21 -3.00
C LEU E 100 -17.81 -29.69 -3.25
N ILE E 101 -16.78 -30.53 -3.18
CA ILE E 101 -17.00 -31.96 -3.41
C ILE E 101 -17.80 -32.57 -2.27
N LEU E 102 -17.68 -32.02 -1.07
CA LEU E 102 -18.44 -32.57 0.06
C LEU E 102 -19.92 -32.21 -0.05
N LEU E 103 -20.23 -30.95 -0.40
CA LEU E 103 -21.62 -30.52 -0.45
C LEU E 103 -22.33 -30.98 -1.71
N LEU E 104 -21.65 -30.95 -2.85
CA LEU E 104 -22.29 -31.09 -4.15
C LEU E 104 -22.52 -32.55 -4.54
N ALA E 105 -21.57 -33.43 -4.22
CA ALA E 105 -21.63 -34.80 -4.72
C ALA E 105 -22.07 -35.81 -3.68
N MET E 106 -21.98 -35.50 -2.39
CA MET E 106 -22.35 -36.46 -1.35
C MET E 106 -23.83 -36.83 -1.35
N PRO E 107 -24.79 -35.89 -1.32
CA PRO E 107 -26.20 -36.31 -1.21
C PRO E 107 -26.74 -36.99 -2.44
N VAL E 108 -26.35 -36.55 -3.63
CA VAL E 108 -26.81 -37.20 -4.86
C VAL E 108 -26.37 -38.66 -4.89
N GLU E 109 -25.12 -38.92 -4.53
CA GLU E 109 -24.65 -40.30 -4.45
C GLU E 109 -25.39 -41.06 -3.35
N LEU E 110 -25.57 -40.43 -2.19
CA LEU E 110 -26.20 -41.12 -1.07
C LEU E 110 -27.62 -41.54 -1.42
N TYR E 111 -28.29 -40.76 -2.26
CA TYR E 111 -29.63 -41.14 -2.67
C TYR E 111 -29.60 -42.17 -3.80
N ASN E 112 -29.02 -41.80 -4.95
CA ASN E 112 -29.18 -42.60 -6.17
C ASN E 112 -28.28 -43.83 -6.22
N PHE E 113 -27.28 -43.94 -5.36
CA PHE E 113 -26.25 -44.95 -5.54
C PHE E 113 -26.12 -45.94 -4.39
N ILE E 114 -26.74 -45.68 -3.26
CA ILE E 114 -26.69 -46.57 -2.11
C ILE E 114 -28.07 -47.04 -1.69
N TRP E 115 -29.03 -46.11 -1.61
CA TRP E 115 -30.39 -46.46 -1.21
C TRP E 115 -31.26 -46.83 -2.40
N VAL E 116 -31.41 -45.92 -3.36
CA VAL E 116 -32.30 -46.11 -4.50
C VAL E 116 -31.44 -46.17 -5.75
N HIS E 117 -31.04 -47.39 -6.14
CA HIS E 117 -30.24 -47.57 -7.34
C HIS E 117 -31.06 -47.33 -8.60
N HIS E 118 -32.38 -47.47 -8.51
CA HIS E 118 -33.28 -47.51 -9.65
C HIS E 118 -34.62 -46.92 -9.26
N PRO E 119 -35.19 -46.05 -10.11
CA PRO E 119 -34.63 -45.47 -11.32
C PRO E 119 -33.91 -44.16 -11.04
N TRP E 120 -33.19 -43.62 -12.02
CA TRP E 120 -32.51 -42.36 -11.84
C TRP E 120 -33.53 -41.25 -11.57
N ALA E 121 -33.25 -40.45 -10.54
CA ALA E 121 -34.22 -39.45 -10.07
C ALA E 121 -33.82 -38.02 -10.37
N PHE E 122 -32.99 -37.77 -11.39
CA PHE E 122 -32.61 -36.42 -11.77
C PHE E 122 -32.56 -36.23 -13.28
N GLY E 123 -32.92 -37.25 -14.05
CA GLY E 123 -33.00 -37.11 -15.49
C GLY E 123 -31.64 -37.10 -16.16
N ASP E 124 -31.69 -36.86 -17.48
CA ASP E 124 -30.47 -36.91 -18.29
C ASP E 124 -29.55 -35.73 -18.02
N ALA E 125 -30.10 -34.53 -17.84
CA ALA E 125 -29.27 -33.37 -17.54
C ALA E 125 -28.58 -33.53 -16.19
N GLY E 126 -29.31 -34.02 -15.19
CA GLY E 126 -28.75 -34.26 -13.87
C GLY E 126 -27.61 -35.24 -13.83
N CYS E 127 -27.72 -36.36 -14.56
CA CYS E 127 -26.66 -37.36 -14.61
C CYS E 127 -25.37 -36.77 -15.15
N ARG E 128 -25.45 -36.13 -16.32
CA ARG E 128 -24.26 -35.55 -16.94
C ARG E 128 -23.67 -34.45 -16.06
N GLY E 129 -24.52 -33.57 -15.53
CA GLY E 129 -24.02 -32.50 -14.69
C GLY E 129 -23.35 -33.01 -13.43
N TYR E 130 -23.97 -34.01 -12.80
CA TYR E 130 -23.40 -34.59 -11.59
C TYR E 130 -22.03 -35.19 -11.85
N TYR E 131 -21.91 -35.99 -12.91
CA TYR E 131 -20.61 -36.62 -13.16
C TYR E 131 -19.56 -35.60 -13.57
N PHE E 132 -19.94 -34.60 -14.38
CA PHE E 132 -18.98 -33.58 -14.77
C PHE E 132 -18.47 -32.81 -13.56
N LEU E 133 -19.39 -32.37 -12.69
CA LEU E 133 -18.97 -31.59 -11.53
C LEU E 133 -18.17 -32.43 -10.55
N ARG E 134 -18.52 -33.70 -10.38
CA ARG E 134 -17.76 -34.58 -9.50
C ARG E 134 -16.33 -34.72 -9.99
N ASP E 135 -16.16 -34.98 -11.29
CA ASP E 135 -14.80 -35.10 -11.82
C ASP E 135 -14.05 -33.78 -11.72
N ALA E 136 -14.73 -32.66 -11.95
CA ALA E 136 -14.07 -31.37 -11.85
C ALA E 136 -13.56 -31.11 -10.44
N CYS E 137 -14.38 -31.43 -9.43
CA CYS E 137 -13.95 -31.26 -8.05
C CYS E 137 -12.77 -32.17 -7.73
N THR E 138 -12.81 -33.41 -8.20
CA THR E 138 -11.70 -34.33 -7.96
C THR E 138 -10.40 -33.81 -8.56
N TYR E 139 -10.45 -33.36 -9.82
CA TYR E 139 -9.26 -32.82 -10.45
C TYR E 139 -8.76 -31.58 -9.72
N ALA E 140 -9.68 -30.70 -9.30
CA ALA E 140 -9.29 -29.48 -8.60
C ALA E 140 -8.57 -29.81 -7.31
N THR E 141 -9.09 -30.78 -6.55
CA THR E 141 -8.41 -31.18 -5.33
C THR E 141 -7.02 -31.73 -5.61
N ALA E 142 -6.91 -32.62 -6.60
CA ALA E 142 -5.61 -33.22 -6.89
C ALA E 142 -4.59 -32.16 -7.31
N LEU E 143 -5.00 -31.26 -8.18
CA LEU E 143 -4.07 -30.24 -8.67
C LEU E 143 -3.73 -29.21 -7.60
N ASN E 144 -4.69 -28.88 -6.72
CA ASN E 144 -4.36 -28.01 -5.60
C ASN E 144 -3.33 -28.64 -4.68
N VAL E 145 -3.47 -29.92 -4.37
CA VAL E 145 -2.49 -30.58 -3.51
C VAL E 145 -1.12 -30.61 -4.18
N ALA E 146 -1.08 -30.93 -5.48
CA ALA E 146 0.21 -30.96 -6.17
C ALA E 146 0.86 -29.58 -6.22
N SER E 147 0.06 -28.54 -6.45
CA SER E 147 0.61 -27.19 -6.50
C SER E 147 1.10 -26.74 -5.14
N LEU E 148 0.40 -27.14 -4.07
CA LEU E 148 0.87 -26.81 -2.73
C LEU E 148 2.20 -27.50 -2.44
N SER E 149 2.36 -28.75 -2.89
CA SER E 149 3.65 -29.41 -2.75
C SER E 149 4.74 -28.68 -3.50
N VAL E 150 4.45 -28.23 -4.73
CA VAL E 150 5.43 -27.49 -5.51
C VAL E 150 5.82 -26.19 -4.80
N GLU E 151 4.83 -25.46 -4.29
CA GLU E 151 5.11 -24.19 -3.61
C GLU E 151 5.94 -24.42 -2.35
N ARG E 152 5.62 -25.46 -1.58
CA ARG E 152 6.43 -25.78 -0.40
C ARG E 152 7.85 -26.13 -0.79
N TYR E 153 8.03 -26.89 -1.88
CA TYR E 153 9.37 -27.25 -2.31
C TYR E 153 10.17 -26.00 -2.68
N LEU E 154 9.55 -25.08 -3.41
CA LEU E 154 10.25 -23.86 -3.76
C LEU E 154 10.58 -23.02 -2.53
N ALA E 155 9.66 -22.94 -1.57
CA ALA E 155 9.90 -22.14 -0.38
C ALA E 155 11.00 -22.71 0.49
N ILE E 156 11.05 -24.04 0.63
CA ILE E 156 12.00 -24.66 1.55
C ILE E 156 13.35 -24.88 0.90
N CYS E 157 13.38 -25.47 -0.30
CA CYS E 157 14.66 -25.86 -0.90
C CYS E 157 15.33 -24.72 -1.64
N HIS E 158 14.59 -23.71 -2.07
CA HIS E 158 15.17 -22.53 -2.73
C HIS E 158 14.52 -21.26 -2.18
N PRO E 159 14.75 -20.95 -0.90
CA PRO E 159 14.06 -19.82 -0.29
C PRO E 159 14.36 -18.48 -0.94
N PHE E 160 15.60 -18.24 -1.34
CA PHE E 160 15.99 -16.98 -1.97
C PHE E 160 15.33 -16.76 -3.32
N LYS E 161 15.28 -17.78 -4.18
CA LYS E 161 14.56 -17.69 -5.44
C LYS E 161 13.06 -17.62 -5.25
N ALA E 162 12.52 -18.33 -4.27
CA ALA E 162 11.09 -18.26 -4.00
C ALA E 162 10.70 -16.87 -3.51
N LYS E 163 11.62 -16.17 -2.86
CA LYS E 163 11.31 -14.82 -2.41
C LYS E 163 11.11 -13.87 -3.59
N THR E 164 11.85 -14.07 -4.69
CA THR E 164 11.71 -13.24 -5.87
C THR E 164 10.61 -13.69 -6.81
N LEU E 165 10.39 -15.01 -6.94
CA LEU E 165 9.38 -15.50 -7.87
C LEU E 165 7.95 -15.25 -7.38
N MET E 166 7.73 -15.29 -6.06
CA MET E 166 6.38 -15.24 -5.52
C MET E 166 5.77 -13.86 -5.70
N SER E 167 4.56 -13.84 -6.25
CA SER E 167 3.79 -12.61 -6.42
C SER E 167 2.31 -12.99 -6.43
N ARG E 168 1.47 -12.01 -6.08
CA ARG E 168 0.05 -12.28 -6.01
C ARG E 168 -0.54 -12.58 -7.39
N SER E 169 -0.11 -11.85 -8.42
CA SER E 169 -0.64 -12.09 -9.76
C SER E 169 -0.30 -13.49 -10.24
N ARG E 170 0.94 -13.95 -10.00
CA ARG E 170 1.32 -15.30 -10.41
C ARG E 170 0.51 -16.35 -9.67
N THR E 171 0.25 -16.13 -8.38
CA THR E 171 -0.54 -17.09 -7.61
C THR E 171 -1.98 -17.15 -8.12
N LYS E 172 -2.57 -15.99 -8.42
CA LYS E 172 -3.92 -15.97 -8.95
C LYS E 172 -3.98 -16.65 -10.31
N LYS E 173 -2.99 -16.41 -11.17
CA LYS E 173 -2.94 -17.08 -12.46
C LYS E 173 -2.78 -18.58 -12.29
N PHE E 174 -1.96 -19.02 -11.33
CA PHE E 174 -1.78 -20.45 -11.11
C PHE E 174 -3.07 -21.10 -10.64
N ILE E 175 -3.78 -20.46 -9.71
CA ILE E 175 -5.04 -21.02 -9.25
C ILE E 175 -6.06 -21.07 -10.38
N SER E 176 -6.11 -20.02 -11.21
CA SER E 176 -7.03 -20.02 -12.34
C SER E 176 -6.69 -21.13 -13.33
N ALA E 177 -5.40 -21.35 -13.59
CA ALA E 177 -5.00 -22.44 -14.47
C ALA E 177 -5.36 -23.79 -13.90
N ILE E 178 -5.20 -23.97 -12.57
CA ILE E 178 -5.59 -25.21 -11.92
C ILE E 178 -7.08 -25.47 -12.14
N TRP E 179 -7.91 -24.46 -11.88
CA TRP E 179 -9.35 -24.64 -12.04
C TRP E 179 -9.72 -24.86 -13.50
N LEU E 180 -9.05 -24.18 -14.42
CA LEU E 180 -9.33 -24.39 -15.84
C LEU E 180 -9.02 -25.81 -16.27
N ALA E 181 -7.87 -26.34 -15.82
CA ALA E 181 -7.54 -27.72 -16.14
C ALA E 181 -8.55 -28.68 -15.53
N SER E 182 -8.98 -28.41 -14.30
CA SER E 182 -9.97 -29.25 -13.64
C SER E 182 -11.28 -29.26 -14.42
N ALA E 183 -11.72 -28.09 -14.89
CA ALA E 183 -12.96 -28.02 -15.66
C ALA E 183 -12.82 -28.72 -17.01
N LEU E 184 -11.69 -28.53 -17.69
CA LEU E 184 -11.52 -29.10 -19.01
C LEU E 184 -11.43 -30.61 -18.97
N LEU E 185 -10.70 -31.15 -17.99
CA LEU E 185 -10.50 -32.61 -17.95
C LEU E 185 -11.79 -33.36 -17.68
N ALA E 186 -12.78 -32.69 -17.06
CA ALA E 186 -14.04 -33.34 -16.75
C ALA E 186 -15.04 -33.31 -17.91
N ILE E 187 -14.75 -32.55 -18.97
CA ILE E 187 -15.68 -32.46 -20.09
C ILE E 187 -15.93 -33.82 -20.75
N PRO E 188 -14.91 -34.67 -21.02
CA PRO E 188 -15.21 -35.97 -21.64
C PRO E 188 -16.19 -36.80 -20.86
N MET E 189 -16.16 -36.68 -19.52
CA MET E 189 -17.13 -37.39 -18.70
C MET E 189 -18.55 -36.87 -18.90
N LEU E 190 -18.68 -35.60 -19.29
CA LEU E 190 -20.01 -35.04 -19.55
C LEU E 190 -20.67 -35.71 -20.74
N PHE E 191 -19.89 -36.01 -21.79
CA PHE E 191 -20.39 -36.66 -22.99
C PHE E 191 -20.31 -38.18 -22.91
N THR E 192 -19.86 -38.73 -21.78
CA THR E 192 -19.80 -40.16 -21.59
C THR E 192 -20.97 -40.72 -20.81
N MET E 193 -21.51 -39.96 -19.85
CA MET E 193 -22.59 -40.43 -19.00
C MET E 193 -23.93 -39.97 -19.53
N GLY E 194 -24.95 -40.81 -19.36
CA GLY E 194 -26.28 -40.47 -19.80
C GLY E 194 -27.29 -41.50 -19.35
N LEU E 195 -28.55 -41.22 -19.65
CA LEU E 195 -29.64 -42.13 -19.29
C LEU E 195 -29.76 -43.23 -20.33
N GLN E 196 -30.12 -44.42 -19.85
CA GLN E 196 -30.29 -45.56 -20.75
C GLN E 196 -31.22 -46.57 -20.09
N ASN E 197 -32.04 -47.23 -20.91
CA ASN E 197 -32.99 -48.22 -20.41
C ASN E 197 -32.36 -49.60 -20.48
N ARG E 198 -32.21 -50.26 -19.33
CA ARG E 198 -31.64 -51.59 -19.24
C ARG E 198 -32.57 -52.58 -18.56
N SER E 199 -33.87 -52.42 -18.70
CA SER E 199 -34.85 -53.32 -18.11
C SER E 199 -35.32 -54.35 -19.12
N ALA E 200 -36.15 -55.28 -18.65
CA ALA E 200 -36.68 -56.33 -19.50
C ALA E 200 -37.76 -55.78 -20.44
N GLY E 202 -37.86 -54.33 -23.60
CA GLY E 202 -38.92 -53.35 -23.47
C GLY E 202 -38.48 -52.07 -22.80
N THR E 203 -39.43 -51.17 -22.54
CA THR E 203 -39.15 -49.91 -21.87
C THR E 203 -40.13 -49.71 -20.73
N HIS E 204 -39.59 -49.50 -19.53
CA HIS E 204 -40.37 -49.28 -18.33
C HIS E 204 -39.73 -48.12 -17.58
N PRO E 205 -40.50 -47.29 -16.89
CA PRO E 205 -39.90 -46.15 -16.18
C PRO E 205 -38.85 -46.54 -15.14
N GLY E 206 -39.02 -47.67 -14.47
CA GLY E 206 -38.07 -48.06 -13.44
C GLY E 206 -36.76 -48.61 -13.95
N GLY E 207 -36.64 -48.86 -15.25
CA GLY E 207 -35.44 -49.39 -15.84
C GLY E 207 -34.49 -48.38 -16.43
N LEU E 208 -34.66 -47.10 -16.14
CA LEU E 208 -33.82 -46.05 -16.69
C LEU E 208 -32.71 -45.72 -15.69
N VAL E 209 -31.46 -45.86 -16.12
CA VAL E 209 -30.31 -45.70 -15.24
C VAL E 209 -29.31 -44.72 -15.86
N CYS E 210 -28.55 -44.06 -14.98
CA CYS E 210 -27.49 -43.14 -15.38
C CYS E 210 -26.17 -43.91 -15.44
N THR E 211 -25.61 -44.01 -16.64
CA THR E 211 -24.55 -44.97 -16.91
C THR E 211 -23.75 -44.45 -18.11
N PRO E 212 -22.53 -44.94 -18.31
CA PRO E 212 -21.84 -44.63 -19.57
C PRO E 212 -22.66 -45.07 -20.77
N ILE E 213 -22.71 -44.20 -21.78
CA ILE E 213 -23.54 -44.41 -22.95
C ILE E 213 -22.72 -44.46 -24.24
N VAL E 214 -21.40 -44.66 -24.12
CA VAL E 214 -20.51 -44.75 -25.26
C VAL E 214 -19.87 -46.12 -25.27
N ASP E 215 -19.05 -46.36 -26.29
CA ASP E 215 -18.47 -47.67 -26.50
C ASP E 215 -17.51 -48.03 -25.35
N THR E 216 -17.46 -49.32 -25.02
CA THR E 216 -16.61 -49.77 -23.93
C THR E 216 -15.14 -49.50 -24.21
N ALA E 217 -14.71 -49.68 -25.46
CA ALA E 217 -13.33 -49.37 -25.82
C ALA E 217 -13.01 -47.90 -25.60
N THR E 218 -14.01 -47.02 -25.69
CA THR E 218 -13.83 -45.62 -25.36
C THR E 218 -13.93 -45.34 -23.86
N VAL E 219 -14.77 -46.09 -23.15
CA VAL E 219 -14.83 -45.95 -21.70
C VAL E 219 -13.50 -46.31 -21.07
N LYS E 220 -12.82 -47.33 -21.61
CA LYS E 220 -11.50 -47.69 -21.10
C LYS E 220 -10.51 -46.54 -21.27
N VAL E 221 -10.55 -45.88 -22.43
CA VAL E 221 -9.63 -44.78 -22.68
C VAL E 221 -9.94 -43.61 -21.75
N VAL E 222 -11.22 -43.27 -21.59
CA VAL E 222 -11.56 -42.11 -20.77
C VAL E 222 -11.23 -42.38 -19.31
N ILE E 223 -11.44 -43.60 -18.84
CA ILE E 223 -11.12 -43.92 -17.45
C ILE E 223 -9.61 -43.95 -17.22
N GLN E 224 -8.85 -44.47 -18.18
CA GLN E 224 -7.39 -44.44 -18.05
C GLN E 224 -6.88 -43.02 -18.02
N VAL E 225 -7.42 -42.14 -18.86
CA VAL E 225 -7.04 -40.74 -18.84
C VAL E 225 -7.38 -40.11 -17.50
N ASN E 226 -8.59 -40.38 -16.98
CA ASN E 226 -8.98 -39.82 -15.69
C ASN E 226 -8.06 -40.28 -14.57
N THR E 227 -7.71 -41.56 -14.55
CA THR E 227 -6.84 -42.07 -13.50
C THR E 227 -5.45 -41.48 -13.60
N PHE E 228 -4.87 -41.41 -14.80
CA PHE E 228 -3.52 -40.88 -14.93
C PHE E 228 -3.46 -39.40 -14.60
N MET E 229 -4.48 -38.64 -14.99
CA MET E 229 -4.44 -37.20 -14.76
C MET E 229 -5.09 -36.80 -13.44
N SER E 230 -5.60 -37.75 -12.68
CA SER E 230 -6.19 -37.45 -11.38
C SER E 230 -5.46 -38.10 -10.22
N PHE E 231 -4.80 -39.23 -10.44
CA PHE E 231 -4.12 -39.94 -9.37
C PHE E 231 -2.62 -40.03 -9.55
N LEU E 232 -2.14 -40.57 -10.67
CA LEU E 232 -0.73 -40.96 -10.76
C LEU E 232 0.19 -39.76 -10.86
N PHE E 233 -0.15 -38.77 -11.69
CA PHE E 233 0.70 -37.59 -11.82
C PHE E 233 0.76 -36.79 -10.52
N PRO E 234 -0.36 -36.44 -9.88
CA PRO E 234 -0.26 -35.83 -8.54
C PRO E 234 0.41 -36.72 -7.53
N MET E 235 0.22 -38.04 -7.62
CA MET E 235 0.91 -38.93 -6.69
C MET E 235 2.41 -38.81 -6.82
N LEU E 236 2.93 -38.86 -8.05
CA LEU E 236 4.37 -38.74 -8.25
C LEU E 236 4.88 -37.38 -7.78
N VAL E 237 4.18 -36.31 -8.14
CA VAL E 237 4.63 -34.98 -7.74
C VAL E 237 4.69 -34.86 -6.23
N ILE E 238 3.59 -35.23 -5.55
CA ILE E 238 3.53 -35.13 -4.10
C ILE E 238 4.59 -35.99 -3.45
N SER E 239 4.70 -37.24 -3.89
CA SER E 239 5.65 -38.16 -3.27
C SER E 239 7.08 -37.66 -3.39
N ILE E 240 7.51 -37.33 -4.62
CA ILE E 240 8.89 -36.92 -4.81
C ILE E 240 9.18 -35.63 -4.07
N LEU E 241 8.30 -34.63 -4.19
CA LEU E 241 8.59 -33.33 -3.60
C LEU E 241 8.58 -33.40 -2.08
N ASN E 242 7.59 -34.07 -1.49
CA ASN E 242 7.56 -34.18 -0.04
C ASN E 242 8.71 -35.04 0.47
N THR E 243 9.16 -36.04 -0.31
CA THR E 243 10.33 -36.80 0.06
C THR E 243 11.57 -35.93 0.11
N VAL E 244 11.75 -35.08 -0.90
CA VAL E 244 12.90 -34.18 -0.91
C VAL E 244 12.83 -33.20 0.26
N ILE E 245 11.66 -32.63 0.51
CA ILE E 245 11.53 -31.66 1.60
C ILE E 245 11.80 -32.33 2.94
N ALA E 246 11.27 -33.54 3.14
CA ALA E 246 11.48 -34.23 4.40
C ALA E 246 12.94 -34.65 4.57
N ASN E 247 13.60 -35.02 3.48
CA ASN E 247 15.03 -35.30 3.56
C ASN E 247 15.81 -34.06 3.97
N LYS E 248 15.47 -32.91 3.39
CA LYS E 248 16.15 -31.67 3.75
C LYS E 248 15.89 -31.30 5.22
N LEU E 249 14.67 -31.50 5.69
CA LEU E 249 14.36 -31.15 7.08
C LEU E 249 15.01 -32.12 8.06
N THR E 250 15.08 -33.40 7.71
CA THR E 250 15.71 -34.37 8.59
C THR E 250 17.21 -34.11 8.70
N VAL E 251 17.84 -33.67 7.62
CA VAL E 251 19.22 -33.24 7.67
C VAL E 251 19.25 -31.76 8.04
N MET E 252 19.14 -31.47 9.33
CA MET E 252 19.06 -30.09 9.79
C MET E 252 20.35 -29.32 9.48
N LEU E 288 11.26 -29.60 14.33
CA LEU E 288 11.11 -29.61 12.88
C LEU E 288 10.62 -30.96 12.38
N ARG E 289 10.71 -31.97 13.25
CA ARG E 289 10.20 -33.29 12.90
C ARG E 289 8.68 -33.26 12.73
N HIS E 290 8.03 -32.24 13.30
CA HIS E 290 6.60 -32.05 13.09
C HIS E 290 6.28 -31.85 11.62
N GLY E 291 7.09 -31.05 10.92
CA GLY E 291 6.89 -30.86 9.51
C GLY E 291 7.08 -32.13 8.70
N VAL E 292 8.08 -32.94 9.08
CA VAL E 292 8.30 -34.21 8.40
C VAL E 292 7.09 -35.12 8.59
N LEU E 293 6.56 -35.17 9.82
CA LEU E 293 5.38 -35.99 10.07
C LEU E 293 4.18 -35.48 9.27
N VAL E 294 4.03 -34.17 9.16
CA VAL E 294 2.92 -33.61 8.38
C VAL E 294 3.04 -34.00 6.92
N LEU E 295 4.24 -33.92 6.35
CA LEU E 295 4.43 -34.29 4.95
C LEU E 295 4.14 -35.76 4.71
N ARG E 296 4.63 -36.63 5.60
CA ARG E 296 4.33 -38.04 5.49
C ARG E 296 2.84 -38.30 5.59
N ALA E 297 2.16 -37.60 6.51
CA ALA E 297 0.72 -37.77 6.66
C ALA E 297 -0.01 -37.34 5.40
N VAL E 298 0.44 -36.25 4.77
CA VAL E 298 -0.17 -35.79 3.52
C VAL E 298 -0.08 -36.88 2.46
N VAL E 299 1.12 -37.43 2.24
CA VAL E 299 1.27 -38.43 1.20
C VAL E 299 0.44 -39.67 1.51
N ILE E 300 0.51 -40.17 2.75
CA ILE E 300 -0.19 -41.40 3.11
C ILE E 300 -1.70 -41.21 3.01
N ALA E 301 -2.20 -40.05 3.45
CA ALA E 301 -3.62 -39.78 3.35
C ALA E 301 -4.07 -39.75 1.90
N PHE E 302 -3.31 -39.08 1.02
CA PHE E 302 -3.68 -39.05 -0.39
C PHE E 302 -3.76 -40.45 -0.96
N VAL E 303 -2.75 -41.28 -0.69
CA VAL E 303 -2.75 -42.64 -1.19
C VAL E 303 -3.97 -43.40 -0.68
N VAL E 304 -4.11 -43.51 0.65
CA VAL E 304 -5.12 -44.40 1.20
C VAL E 304 -6.53 -43.87 0.98
N CYS E 305 -6.65 -42.60 0.56
CA CYS E 305 -8.00 -42.08 0.35
C CYS E 305 -8.38 -42.04 -1.12
N TRP E 306 -7.41 -42.06 -2.04
CA TRP E 306 -7.79 -41.99 -3.44
C TRP E 306 -7.45 -43.25 -4.25
N LEU E 307 -6.58 -44.12 -3.75
CA LEU E 307 -6.27 -45.34 -4.50
C LEU E 307 -7.46 -46.27 -4.68
N PRO E 308 -8.20 -46.64 -3.63
CA PRO E 308 -9.30 -47.60 -3.82
C PRO E 308 -10.38 -47.11 -4.77
N TYR E 309 -10.64 -45.80 -4.81
CA TYR E 309 -11.66 -45.26 -5.70
C TYR E 309 -11.31 -45.54 -7.16
N HIS E 310 -10.10 -45.18 -7.58
CA HIS E 310 -9.71 -45.41 -8.96
C HIS E 310 -9.50 -46.89 -9.25
N VAL E 311 -9.06 -47.66 -8.26
CA VAL E 311 -8.98 -49.11 -8.44
C VAL E 311 -10.37 -49.67 -8.75
N ARG E 312 -11.39 -49.20 -8.03
CA ARG E 312 -12.74 -49.66 -8.27
C ARG E 312 -13.23 -49.26 -9.67
N ARG E 313 -12.95 -48.03 -10.09
CA ARG E 313 -13.38 -47.61 -11.42
C ARG E 313 -12.72 -48.45 -12.50
N LEU E 314 -11.42 -48.72 -12.37
CA LEU E 314 -10.76 -49.60 -13.33
C LEU E 314 -11.34 -51.01 -13.28
N MET E 315 -11.66 -51.50 -12.09
CA MET E 315 -12.26 -52.83 -11.98
C MET E 315 -13.59 -52.89 -12.71
N PHE E 316 -14.38 -51.84 -12.60
CA PHE E 316 -15.64 -51.77 -13.33
C PHE E 316 -15.40 -51.77 -14.84
N CYS E 317 -14.41 -51.00 -15.30
CA CYS E 317 -14.23 -50.82 -16.73
C CYS E 317 -13.58 -52.00 -17.43
N TYR E 318 -12.65 -52.69 -16.77
CA TYR E 318 -11.79 -53.63 -17.48
C TYR E 318 -12.33 -55.06 -17.47
N ILE E 319 -12.93 -55.50 -16.38
CA ILE E 319 -13.30 -56.91 -16.23
C ILE E 319 -14.36 -57.28 -17.26
N SER E 320 -14.17 -58.43 -17.90
CA SER E 320 -15.05 -58.85 -18.98
C SER E 320 -16.40 -59.31 -18.43
N ASP E 321 -17.39 -59.36 -19.32
CA ASP E 321 -18.75 -59.69 -18.91
C ASP E 321 -18.85 -61.11 -18.36
N GLU E 322 -17.98 -62.01 -18.81
CA GLU E 322 -18.04 -63.38 -18.34
C GLU E 322 -17.68 -63.51 -16.87
N GLN E 323 -16.70 -62.74 -16.39
CA GLN E 323 -16.20 -62.89 -15.03
C GLN E 323 -17.11 -62.25 -13.99
N TRP E 324 -18.03 -61.38 -14.40
CA TRP E 324 -18.89 -60.67 -13.46
C TRP E 324 -19.99 -61.62 -12.96
N THR E 325 -19.59 -62.50 -12.05
CA THR E 325 -20.55 -63.40 -11.43
C THR E 325 -21.35 -62.66 -10.36
N THR E 326 -22.15 -63.42 -9.61
CA THR E 326 -22.97 -62.82 -8.56
C THR E 326 -22.09 -62.24 -7.45
N PHE E 327 -21.08 -63.00 -7.01
CA PHE E 327 -20.24 -62.55 -5.92
C PHE E 327 -19.52 -61.26 -6.30
N LEU E 328 -18.99 -61.19 -7.52
CA LEU E 328 -18.32 -59.98 -7.96
C LEU E 328 -19.31 -58.82 -8.04
N PHE E 329 -20.54 -59.09 -8.45
CA PHE E 329 -21.53 -58.03 -8.58
C PHE E 329 -21.84 -57.41 -7.22
N ASP E 330 -22.06 -58.24 -6.20
CA ASP E 330 -22.30 -57.69 -4.86
C ASP E 330 -21.05 -56.99 -4.33
N PHE E 331 -19.88 -57.60 -4.55
CA PHE E 331 -18.65 -57.04 -4.03
C PHE E 331 -18.39 -55.66 -4.61
N TYR E 332 -18.79 -55.44 -5.86
CA TYR E 332 -18.55 -54.13 -6.46
C TYR E 332 -19.28 -53.03 -5.70
N HIS E 333 -20.52 -53.27 -5.31
CA HIS E 333 -21.29 -52.21 -4.66
C HIS E 333 -20.88 -52.05 -3.19
N TYR E 334 -20.54 -53.15 -2.51
CA TYR E 334 -19.98 -52.97 -1.17
C TYR E 334 -18.66 -52.22 -1.21
N PHE E 335 -17.79 -52.55 -2.17
CA PHE E 335 -16.55 -51.83 -2.33
C PHE E 335 -16.81 -50.39 -2.75
N TYR E 336 -17.91 -50.15 -3.47
CA TYR E 336 -18.29 -48.78 -3.80
C TYR E 336 -18.56 -47.98 -2.54
N MET E 337 -19.32 -48.57 -1.61
CA MET E 337 -19.59 -47.90 -0.35
C MET E 337 -18.29 -47.58 0.39
N LEU E 338 -17.40 -48.57 0.51
CA LEU E 338 -16.15 -48.33 1.22
C LEU E 338 -15.29 -47.26 0.53
N THR E 339 -15.16 -47.35 -0.80
CA THR E 339 -14.32 -46.42 -1.53
C THR E 339 -14.85 -44.99 -1.46
N ASN E 340 -16.16 -44.80 -1.61
CA ASN E 340 -16.69 -43.45 -1.46
C ASN E 340 -16.54 -42.93 -0.04
N ALA E 341 -16.68 -43.81 0.96
CA ALA E 341 -16.42 -43.39 2.33
C ALA E 341 -15.01 -42.84 2.48
N LEU E 342 -14.01 -43.57 1.99
CA LEU E 342 -12.63 -43.08 2.08
C LEU E 342 -12.42 -41.82 1.25
N PHE E 343 -13.04 -41.75 0.07
CA PHE E 343 -12.84 -40.60 -0.81
C PHE E 343 -13.36 -39.33 -0.17
N TYR E 344 -14.49 -39.40 0.53
CA TYR E 344 -14.99 -38.22 1.23
C TYR E 344 -14.22 -37.98 2.53
N ALA E 345 -13.72 -39.03 3.16
CA ALA E 345 -12.82 -38.83 4.30
C ALA E 345 -11.59 -38.04 3.90
N SER E 346 -11.18 -38.15 2.63
CA SER E 346 -10.06 -37.35 2.15
C SER E 346 -10.32 -35.86 2.31
N SER E 347 -11.50 -35.40 1.85
CA SER E 347 -11.82 -33.98 1.98
C SER E 347 -12.17 -33.62 3.41
N ALA E 348 -12.58 -34.60 4.22
CA ALA E 348 -12.74 -34.33 5.64
C ALA E 348 -11.40 -34.10 6.33
N ILE E 349 -10.36 -34.79 5.89
CA ILE E 349 -9.08 -34.78 6.61
C ILE E 349 -8.17 -33.67 6.11
N ASN E 350 -8.27 -33.30 4.82
CA ASN E 350 -7.38 -32.28 4.25
C ASN E 350 -7.32 -30.98 5.05
N PRO E 351 -8.43 -30.35 5.45
CA PRO E 351 -8.32 -29.10 6.23
C PRO E 351 -7.58 -29.28 7.53
N ILE E 352 -7.74 -30.41 8.22
CA ILE E 352 -7.01 -30.66 9.45
C ILE E 352 -5.52 -30.73 9.18
N LEU E 353 -5.11 -31.50 8.16
CA LEU E 353 -3.69 -31.69 7.92
C LEU E 353 -3.04 -30.41 7.40
N TYR E 354 -3.78 -29.58 6.70
CA TYR E 354 -3.15 -28.42 6.08
C TYR E 354 -3.25 -27.14 6.89
N ASN E 355 -4.24 -27.01 7.77
CA ASN E 355 -4.39 -25.78 8.54
C ASN E 355 -4.55 -25.97 10.04
N LEU E 356 -5.14 -27.06 10.49
CA LEU E 356 -5.44 -27.23 11.91
C LEU E 356 -4.38 -28.03 12.67
N VAL E 357 -3.31 -28.44 12.00
CA VAL E 357 -2.23 -29.14 12.67
C VAL E 357 -1.13 -28.18 13.12
N SER E 358 -0.70 -27.30 12.23
CA SER E 358 0.22 -26.24 12.60
C SER E 358 -0.56 -25.07 13.20
N ALA E 359 0.13 -24.30 14.03
CA ALA E 359 -0.50 -23.18 14.72
C ALA E 359 -1.06 -22.19 13.71
N ASN E 360 -2.32 -21.79 13.92
CA ASN E 360 -3.02 -20.91 13.01
C ASN E 360 -3.27 -19.54 13.61
N PHE E 361 -2.60 -19.22 14.72
CA PHE E 361 -2.77 -17.92 15.36
C PHE E 361 -1.43 -17.39 15.88
N ARG F 1 -24.16 -60.55 -14.35
CA ARG F 1 -24.61 -59.22 -14.76
C ARG F 1 -23.45 -58.26 -14.94
N ARG F 2 -23.76 -56.97 -14.93
CA ARG F 2 -22.77 -55.92 -15.04
C ARG F 2 -23.25 -54.70 -14.26
N PRO F 3 -22.45 -54.21 -13.31
CA PRO F 3 -22.81 -52.96 -12.64
C PRO F 3 -22.91 -51.80 -13.62
N TYR F 4 -23.90 -50.95 -13.38
CA TYR F 4 -24.16 -49.78 -14.21
C TYR F 4 -23.76 -48.49 -13.53
N ILE F 5 -23.00 -48.54 -12.45
CA ILE F 5 -22.60 -47.36 -11.70
C ILE F 5 -21.10 -47.19 -11.83
N LEU F 6 -20.68 -46.03 -12.31
CA LEU F 6 -19.26 -45.72 -12.42
C LEU F 6 -18.75 -45.10 -11.13
#